data_6XJZ
#
_entry.id   6XJZ
#
_cell.length_a   87.505
_cell.length_b   82.419
_cell.length_c   105.213
_cell.angle_alpha   90.000
_cell.angle_beta   111.000
_cell.angle_gamma   90.000
#
_symmetry.space_group_name_H-M   'P 1 21 1'
#
loop_
_entity.id
_entity.type
_entity.pdbx_description
1 polymer 'Self-alkylating ribozyme (58-MER)'
2 polymer 'Fab HAVx Heavy Chain'
3 polymer 'Fab HAVx Light Chain'
4 water water
#
loop_
_entity_poly.entity_id
_entity_poly.type
_entity_poly.pdbx_seq_one_letter_code
_entity_poly.pdbx_strand_id
1 'polyribonucleotide' GGCCGCUCCAGAAGAGGGCCCCCUUGCCCGUUAUCGGGGGCUAGGCUCGAUGUCGGCC A,B
2 'polypeptide(L)'
;MKKNIAFLLASMFVFSIATNAYAEISEVQLVESGGGLVQPGGSLRLSCAASGFSLSSSSMHWVRQAPGKGLEWVASISPY
SGSTSYADSVKGRFTISADTSKNTAYLQMNSLRAEDTAVYYCARTKYHYKNYYWWALDYWGQGTLVTVSSASTKGPSVFP
LAPSSKSTSGGTAALGCLVKDYFPEPVTVSWNSGALTSGVHTFPAVLQSSGLYSLSSVVTVPSSSLGTQTYICNVNHKPS
NTKVDKKVEPKSCDKTHT
;
C,H
3 'polypeptide(L)'
;MKKNIAFLLASMFVFSIATNAYASDIQMTQSPSSLSASVGDRVTITCRASQSVYYSVAWYQQKPGKAPKLLIYSASYLYS
GVPSRFSGSRSGTDFTLTISSLQPEDFATYYCQQYRRRPITFGQGTKVEIKRTVAAPSVFIFPPSDEQLKSGTASVVCLL
NNFYPREAKVQWKVDNALQSGNSQESVTEQDSKDSTYSLSSTLTLSKADYEKHKVYACEVTHQGLSSPVTKSFNRGEC
;
D,L
#
# COMPACT_ATOMS: atom_id res chain seq x y z
N GLU C 27 16.07 6.87 -4.26
CA GLU C 27 14.91 7.09 -3.39
C GLU C 27 13.57 7.18 -4.11
N VAL C 28 13.41 8.01 -5.17
CA VAL C 28 12.12 8.15 -5.83
C VAL C 28 11.94 7.12 -6.94
N GLN C 29 10.74 6.55 -7.02
CA GLN C 29 10.37 5.56 -8.04
C GLN C 29 8.96 5.85 -8.52
N LEU C 30 8.65 5.34 -9.71
CA LEU C 30 7.32 5.48 -10.32
C LEU C 30 7.07 4.26 -11.19
N VAL C 31 6.41 3.25 -10.61
CA VAL C 31 6.16 1.99 -11.29
C VAL C 31 4.77 2.02 -11.90
N GLU C 32 4.69 1.92 -13.22
CA GLU C 32 3.43 1.79 -13.90
C GLU C 32 3.16 0.33 -14.19
N SER C 33 1.89 0.00 -14.32
CA SER C 33 1.46 -1.38 -14.50
C SER C 33 0.03 -1.36 -15.01
N GLY C 34 -0.49 -2.55 -15.31
CA GLY C 34 -1.87 -2.70 -15.72
C GLY C 34 -2.15 -2.49 -17.19
N GLY C 35 -1.14 -2.24 -18.02
CA GLY C 35 -1.36 -2.09 -19.43
C GLY C 35 -1.35 -3.42 -20.16
N GLY C 36 -1.56 -3.35 -21.46
CA GLY C 36 -1.55 -4.56 -22.26
C GLY C 36 -2.48 -4.44 -23.45
N LEU C 37 -2.99 -5.59 -23.87
CA LEU C 37 -3.79 -5.73 -25.07
C LEU C 37 -5.27 -5.80 -24.71
N VAL C 38 -6.09 -5.09 -25.49
CA VAL C 38 -7.51 -5.01 -25.23
C VAL C 38 -8.22 -4.66 -26.53
N GLN C 39 -9.42 -5.19 -26.70
CA GLN C 39 -10.20 -4.98 -27.91
C GLN C 39 -10.81 -3.59 -27.89
N PRO C 40 -11.13 -3.03 -29.05
CA PRO C 40 -11.85 -1.76 -29.08
C PRO C 40 -13.14 -1.84 -28.28
N GLY C 41 -13.51 -0.74 -27.64
CA GLY C 41 -14.66 -0.72 -26.74
C GLY C 41 -14.33 -1.11 -25.33
N GLY C 42 -13.40 -2.05 -25.16
CA GLY C 42 -13.01 -2.56 -23.85
C GLY C 42 -12.39 -1.52 -22.93
N SER C 43 -12.02 -1.93 -21.72
CA SER C 43 -11.51 -1.03 -20.70
C SER C 43 -10.26 -1.61 -20.04
N LEU C 44 -9.50 -0.69 -19.44
CA LEU C 44 -8.26 -1.00 -18.75
C LEU C 44 -8.02 0.06 -17.68
N ARG C 45 -7.34 -0.34 -16.61
CA ARG C 45 -7.04 0.56 -15.49
C ARG C 45 -5.53 0.56 -15.23
N LEU C 46 -4.88 1.68 -15.51
CA LEU C 46 -3.45 1.76 -15.30
C LEU C 46 -3.17 2.11 -13.83
N SER C 47 -2.00 1.70 -13.35
CA SER C 47 -1.63 1.91 -11.96
C SER C 47 -0.23 2.46 -11.89
N CYS C 48 -0.06 3.59 -11.24
CA CYS C 48 1.24 4.24 -11.11
C CYS C 48 1.57 4.33 -9.61
N ALA C 49 2.38 3.39 -9.13
CA ALA C 49 2.85 3.33 -7.75
C ALA C 49 4.10 4.18 -7.55
N ALA C 50 4.08 5.02 -6.52
CA ALA C 50 5.19 5.91 -6.21
C ALA C 50 5.95 5.49 -4.96
N SER C 51 7.25 5.81 -4.95
CA SER C 51 8.13 5.60 -3.81
C SER C 51 8.94 6.86 -3.54
N GLY C 52 9.32 7.06 -2.28
CA GLY C 52 10.23 8.14 -1.94
C GLY C 52 9.60 9.52 -1.83
N PHE C 53 8.36 9.69 -2.28
CA PHE C 53 7.64 10.94 -2.11
C PHE C 53 6.18 10.62 -1.85
N SER C 54 5.50 11.58 -1.23
CA SER C 54 4.08 11.43 -0.95
C SER C 54 3.25 11.98 -2.11
N LEU C 55 2.22 11.22 -2.50
CA LEU C 55 1.27 11.68 -3.53
C LEU C 55 0.58 12.98 -3.15
N SER C 56 0.43 13.26 -1.87
CA SER C 56 -0.21 14.52 -1.49
C SER C 56 0.73 15.70 -1.62
N SER C 57 2.01 15.45 -1.86
CA SER C 57 2.97 16.52 -2.14
C SER C 57 3.25 16.67 -3.61
N SER C 58 2.34 16.20 -4.46
CA SER C 58 2.58 16.21 -5.89
C SER C 58 1.27 16.34 -6.62
N SER C 59 1.36 16.75 -7.87
CA SER C 59 0.32 16.51 -8.86
C SER C 59 0.84 15.47 -9.85
N MET C 60 0.04 14.46 -10.12
CA MET C 60 0.40 13.36 -10.99
C MET C 60 -0.16 13.56 -12.38
N HIS C 61 0.55 13.05 -13.39
CA HIS C 61 0.19 13.26 -14.78
C HIS C 61 0.34 11.99 -15.59
N TRP C 62 -0.56 11.78 -16.56
CA TRP C 62 -0.42 10.75 -17.57
C TRP C 62 -0.15 11.40 -18.92
N VAL C 63 0.91 10.95 -19.58
CA VAL C 63 1.34 11.45 -20.88
C VAL C 63 1.54 10.21 -21.76
N ARG C 64 1.13 10.29 -23.01
CA ARG C 64 1.26 9.10 -23.81
C ARG C 64 2.09 9.40 -25.04
N GLN C 65 2.65 8.33 -25.58
CA GLN C 65 3.51 8.38 -26.77
C GLN C 65 2.95 7.35 -27.73
N ALA C 66 2.17 7.83 -28.70
CA ALA C 66 1.64 7.02 -29.79
C ALA C 66 2.79 6.34 -30.51
N PRO C 67 2.57 5.16 -31.13
CA PRO C 67 3.68 4.42 -31.75
C PRO C 67 4.46 5.26 -32.75
N GLY C 68 5.76 5.41 -32.50
CA GLY C 68 6.63 6.21 -33.34
C GLY C 68 6.42 7.70 -33.25
N LYS C 69 5.38 8.18 -32.54
CA LYS C 69 4.99 9.58 -32.52
C LYS C 69 5.48 10.29 -31.25
N GLY C 70 5.12 11.57 -31.13
CA GLY C 70 5.64 12.43 -30.07
C GLY C 70 5.09 12.15 -28.68
N LEU C 71 4.98 13.20 -27.86
CA LEU C 71 4.38 13.07 -26.55
C LEU C 71 3.07 13.85 -26.51
N GLU C 72 2.11 13.37 -25.71
CA GLU C 72 0.83 14.05 -25.57
C GLU C 72 0.27 13.87 -24.16
N TRP C 73 -0.24 14.95 -23.61
CA TRP C 73 -0.76 14.94 -22.25
C TRP C 73 -2.16 14.37 -22.26
N VAL C 74 -2.44 13.51 -21.28
CA VAL C 74 -3.74 12.85 -21.14
C VAL C 74 -4.54 13.46 -19.99
N ALA C 75 -3.99 13.48 -18.78
CA ALA C 75 -4.78 13.79 -17.61
C ALA C 75 -3.88 14.12 -16.42
N SER C 76 -4.42 14.90 -15.49
CA SER C 76 -3.66 15.31 -14.32
C SER C 76 -4.58 15.29 -13.11
N ILE C 77 -3.98 15.10 -11.94
CA ILE C 77 -4.71 15.11 -10.68
C ILE C 77 -3.81 15.68 -9.61
N SER C 78 -4.38 16.45 -8.71
CA SER C 78 -3.69 16.86 -7.51
C SER C 78 -4.34 16.12 -6.35
N PRO C 79 -3.74 15.04 -5.84
CA PRO C 79 -4.44 14.24 -4.82
C PRO C 79 -4.78 15.02 -3.57
N TYR C 80 -3.96 15.99 -3.24
CA TYR C 80 -4.22 16.76 -2.04
C TYR C 80 -5.57 17.46 -2.10
N SER C 81 -6.01 17.89 -3.27
CA SER C 81 -7.26 18.62 -3.44
C SER C 81 -8.34 17.86 -4.20
N GLY C 82 -8.00 16.75 -4.87
CA GLY C 82 -8.95 16.05 -5.71
C GLY C 82 -9.13 16.66 -7.08
N SER C 83 -8.49 17.80 -7.32
CA SER C 83 -8.63 18.50 -8.59
C SER C 83 -7.99 17.70 -9.74
N THR C 84 -8.70 17.66 -10.87
CA THR C 84 -8.40 16.86 -12.05
C THR C 84 -8.62 17.69 -13.30
N SER C 85 -8.03 17.24 -14.41
CA SER C 85 -8.22 17.86 -15.71
C SER C 85 -7.82 16.87 -16.81
N TYR C 86 -8.42 17.05 -17.99
CA TYR C 86 -8.29 16.07 -19.04
C TYR C 86 -8.07 16.77 -20.38
N ALA C 87 -7.33 16.09 -21.24
CA ALA C 87 -7.34 16.46 -22.64
C ALA C 87 -8.74 16.23 -23.22
N ASP C 88 -9.04 16.90 -24.33
CA ASP C 88 -10.38 16.81 -24.91
C ASP C 88 -10.62 15.50 -25.64
N SER C 89 -9.59 14.89 -26.21
CA SER C 89 -9.81 13.64 -26.94
C SER C 89 -10.29 12.52 -26.03
N VAL C 90 -9.91 12.56 -24.75
CA VAL C 90 -10.21 11.51 -23.77
C VAL C 90 -11.15 11.99 -22.67
N LYS C 91 -11.58 13.25 -22.71
CA LYS C 91 -12.66 13.71 -21.85
C LYS C 91 -13.85 12.81 -22.06
N GLY C 92 -14.40 12.31 -20.96
CA GLY C 92 -15.60 11.48 -21.01
C GLY C 92 -15.39 10.01 -21.27
N ARG C 93 -14.15 9.53 -21.33
CA ARG C 93 -13.86 8.11 -21.46
C ARG C 93 -12.88 7.71 -20.36
N PHE C 94 -11.98 8.64 -19.99
CA PHE C 94 -10.93 8.37 -19.02
C PHE C 94 -11.24 9.04 -17.70
N THR C 95 -10.70 8.47 -16.61
CA THR C 95 -10.86 9.02 -15.28
C THR C 95 -9.57 8.81 -14.49
N ILE C 96 -8.89 9.90 -14.19
CA ILE C 96 -7.75 9.89 -13.30
C ILE C 96 -8.22 9.95 -11.86
N SER C 97 -7.46 9.34 -10.95
CA SER C 97 -7.84 9.26 -9.54
C SER C 97 -6.61 8.85 -8.74
N ALA C 98 -6.65 9.13 -7.44
CA ALA C 98 -5.55 8.80 -6.55
C ALA C 98 -6.06 8.06 -5.34
N ASP C 99 -5.17 7.30 -4.70
CA ASP C 99 -5.47 6.63 -3.43
C ASP C 99 -4.25 6.81 -2.54
N THR C 100 -4.31 7.77 -1.62
CA THR C 100 -3.12 8.11 -0.86
C THR C 100 -2.73 7.03 0.14
N SER C 101 -3.63 6.11 0.48
CA SER C 101 -3.28 5.01 1.36
C SER C 101 -2.51 3.88 0.67
N LYS C 102 -2.61 3.78 -0.65
CA LYS C 102 -1.76 2.91 -1.45
C LYS C 102 -0.69 3.70 -2.15
N ASN C 103 -0.57 4.99 -1.81
CA ASN C 103 0.34 5.94 -2.44
C ASN C 103 0.43 5.71 -3.95
N THR C 104 -0.74 5.57 -4.58
CA THR C 104 -0.82 5.17 -5.98
C THR C 104 -1.87 5.98 -6.72
N ALA C 105 -1.58 6.27 -8.01
CA ALA C 105 -2.51 6.93 -8.93
C ALA C 105 -3.01 5.95 -9.99
N TYR C 106 -4.23 6.20 -10.48
CA TYR C 106 -4.95 5.30 -11.38
C TYR C 106 -5.44 6.06 -12.60
N LEU C 107 -5.52 5.38 -13.71
CA LEU C 107 -6.15 5.89 -14.91
C LEU C 107 -7.09 4.81 -15.38
N GLN C 108 -8.40 5.06 -15.25
CA GLN C 108 -9.42 4.15 -15.76
C GLN C 108 -9.79 4.62 -17.16
N MET C 109 -9.67 3.73 -18.15
CA MET C 109 -9.84 4.08 -19.56
C MET C 109 -10.97 3.26 -20.14
N ASN C 110 -12.01 3.93 -20.66
CA ASN C 110 -13.17 3.24 -21.19
C ASN C 110 -13.37 3.55 -22.67
N SER C 111 -14.05 2.63 -23.36
CA SER C 111 -14.41 2.78 -24.76
C SER C 111 -13.22 3.19 -25.61
N LEU C 112 -12.22 2.31 -25.66
CA LEU C 112 -10.98 2.58 -26.37
C LEU C 112 -11.10 2.31 -27.88
N ARG C 113 -10.64 3.25 -28.71
CA ARG C 113 -10.43 2.99 -30.12
C ARG C 113 -8.93 2.90 -30.41
N ALA C 114 -8.56 2.60 -31.67
CA ALA C 114 -7.17 2.29 -32.00
C ALA C 114 -6.26 3.50 -31.91
N GLU C 115 -6.81 4.72 -32.00
CA GLU C 115 -6.00 5.93 -31.81
C GLU C 115 -5.60 6.15 -30.37
N ASP C 116 -5.97 5.26 -29.46
CA ASP C 116 -5.47 5.30 -28.11
C ASP C 116 -4.26 4.43 -27.88
N THR C 117 -3.86 3.60 -28.85
CA THR C 117 -2.66 2.78 -28.74
C THR C 117 -1.43 3.66 -28.56
N ALA C 118 -0.68 3.43 -27.49
CA ALA C 118 0.45 4.28 -27.19
C ALA C 118 1.18 3.72 -25.98
N VAL C 119 2.41 4.18 -25.78
CA VAL C 119 3.03 4.05 -24.48
C VAL C 119 2.47 5.14 -23.58
N TYR C 120 2.04 4.73 -22.38
CA TYR C 120 1.47 5.61 -21.37
C TYR C 120 2.49 5.79 -20.25
N TYR C 121 2.95 7.02 -20.06
CA TYR C 121 3.84 7.37 -18.96
C TYR C 121 3.09 8.14 -17.90
N CYS C 122 3.21 7.72 -16.64
CA CYS C 122 2.83 8.60 -15.54
C CYS C 122 4.05 9.42 -15.09
N ALA C 123 3.80 10.62 -14.59
CA ALA C 123 4.88 11.50 -14.16
C ALA C 123 4.41 12.42 -13.03
N ARG C 124 5.36 12.92 -12.26
CA ARG C 124 5.11 13.73 -11.08
C ARG C 124 5.65 15.13 -11.30
N THR C 125 4.91 16.13 -10.81
CA THR C 125 5.45 17.45 -10.52
C THR C 125 5.50 17.66 -9.02
N LYS C 126 6.66 18.04 -8.51
CA LYS C 126 6.80 18.29 -7.08
C LYS C 126 6.01 19.53 -6.71
N TYR C 127 5.39 19.49 -5.52
CA TYR C 127 4.71 20.65 -4.95
C TYR C 127 5.68 21.51 -4.14
N HIS C 128 5.69 22.80 -4.40
CA HIS C 128 6.57 23.69 -3.64
C HIS C 128 5.71 24.82 -3.10
N TYR C 129 5.61 24.90 -1.78
CA TYR C 129 4.63 25.83 -1.22
C TYR C 129 4.97 27.28 -1.47
N LYS C 130 6.10 27.61 -2.09
CA LYS C 130 6.38 29.02 -2.32
C LYS C 130 6.23 29.39 -3.79
N ASN C 131 5.52 28.58 -4.57
CA ASN C 131 5.74 28.57 -6.00
C ASN C 131 4.61 29.12 -6.84
N TYR C 132 3.39 29.16 -6.29
CA TYR C 132 2.25 29.82 -6.90
C TYR C 132 1.64 29.13 -8.12
N TYR C 133 2.33 28.17 -8.71
CA TYR C 133 1.70 27.34 -9.73
C TYR C 133 2.56 26.11 -9.95
N TRP C 134 1.96 25.10 -10.58
CA TRP C 134 2.73 23.91 -10.91
C TRP C 134 3.72 24.24 -12.02
N TRP C 135 4.82 23.48 -12.07
CA TRP C 135 5.87 23.65 -13.08
C TRP C 135 6.03 22.31 -13.79
N ALA C 136 7.16 22.12 -14.48
CA ALA C 136 7.39 20.98 -15.37
C ALA C 136 7.21 19.63 -14.67
N LEU C 137 7.21 18.57 -15.48
CA LEU C 137 7.15 17.21 -14.97
C LEU C 137 8.57 16.73 -14.71
N ASP C 138 8.89 16.49 -13.45
CA ASP C 138 10.28 16.37 -13.05
C ASP C 138 10.69 14.96 -12.68
N TYR C 139 9.74 14.05 -12.55
CA TYR C 139 10.10 12.64 -12.51
C TYR C 139 9.12 11.89 -13.38
N TRP C 140 9.63 10.96 -14.19
CA TRP C 140 8.77 10.14 -15.05
C TRP C 140 8.98 8.68 -14.75
N GLY C 141 7.91 7.89 -14.98
CA GLY C 141 7.99 6.46 -14.96
C GLY C 141 8.25 5.87 -16.33
N GLN C 142 8.70 4.61 -16.35
CA GLN C 142 9.21 3.94 -17.53
C GLN C 142 8.13 3.43 -18.50
N GLY C 143 6.86 3.71 -18.28
CA GLY C 143 5.84 3.43 -19.29
C GLY C 143 5.37 1.99 -19.37
N THR C 144 4.06 1.79 -19.52
CA THR C 144 3.51 0.52 -19.98
C THR C 144 2.92 0.72 -21.38
N LEU C 145 2.76 -0.38 -22.08
CA LEU C 145 2.22 -0.35 -23.43
C LEU C 145 0.74 -0.69 -23.38
N VAL C 146 -0.05 -0.01 -24.21
CA VAL C 146 -1.47 -0.33 -24.36
C VAL C 146 -1.75 -0.44 -25.84
N THR C 147 -2.20 -1.62 -26.28
CA THR C 147 -2.56 -1.87 -27.68
C THR C 147 -4.04 -2.19 -27.75
N VAL C 148 -4.74 -1.47 -28.61
CA VAL C 148 -6.16 -1.68 -28.81
C VAL C 148 -6.32 -2.13 -30.25
N SER C 149 -6.37 -3.45 -30.43
CA SER C 149 -6.65 -4.04 -31.72
C SER C 149 -7.62 -5.18 -31.49
N SER C 150 -8.37 -5.50 -32.56
CA SER C 150 -9.17 -6.71 -32.63
C SER C 150 -8.33 -7.94 -32.97
N ALA C 151 -7.06 -7.76 -33.29
CA ALA C 151 -6.21 -8.91 -33.62
C ALA C 151 -6.13 -9.87 -32.45
N SER C 152 -6.09 -11.16 -32.76
CA SER C 152 -6.08 -12.22 -31.75
C SER C 152 -4.81 -13.05 -31.87
N THR C 153 -4.34 -13.49 -30.71
CA THR C 153 -3.04 -14.14 -30.53
C THR C 153 -2.80 -15.28 -31.50
N LYS C 154 -1.77 -15.11 -32.34
CA LYS C 154 -1.34 -16.11 -33.31
C LYS C 154 0.17 -16.26 -33.21
N GLY C 155 0.64 -17.47 -33.50
CA GLY C 155 2.05 -17.78 -33.49
C GLY C 155 2.69 -17.50 -34.84
N PRO C 156 3.99 -17.30 -34.86
CA PRO C 156 4.65 -16.83 -36.08
C PRO C 156 4.81 -17.95 -37.09
N SER C 157 4.81 -17.55 -38.36
CA SER C 157 5.13 -18.43 -39.47
C SER C 157 6.51 -18.05 -40.00
N VAL C 158 7.41 -19.01 -40.08
CA VAL C 158 8.81 -18.72 -40.35
C VAL C 158 9.18 -19.27 -41.72
N PHE C 159 9.70 -18.39 -42.56
CA PHE C 159 10.21 -18.78 -43.86
C PHE C 159 11.68 -18.40 -43.97
N PRO C 160 12.46 -19.16 -44.72
CA PRO C 160 13.86 -18.78 -44.93
C PRO C 160 13.99 -17.80 -46.08
N LEU C 161 14.99 -16.93 -45.96
CA LEU C 161 15.41 -16.03 -47.04
C LEU C 161 16.71 -16.62 -47.53
N ALA C 162 16.64 -17.29 -48.68
CA ALA C 162 17.72 -18.16 -49.14
C ALA C 162 18.85 -17.32 -49.72
N PRO C 163 20.10 -17.71 -49.44
CA PRO C 163 21.25 -17.03 -50.06
C PRO C 163 21.14 -16.93 -51.57
N SER C 164 21.72 -15.86 -52.10
CA SER C 164 21.70 -15.52 -53.52
C SER C 164 22.03 -16.72 -54.40
N SER C 165 21.60 -16.68 -55.66
CA SER C 165 21.88 -17.78 -56.58
C SER C 165 23.33 -17.66 -57.01
N LYS C 166 24.19 -17.45 -56.01
CA LYS C 166 25.64 -17.31 -56.08
C LYS C 166 26.26 -18.04 -54.88
N SER C 167 25.59 -19.08 -54.39
CA SER C 167 26.00 -19.82 -53.20
C SER C 167 27.41 -20.37 -53.36
N THR C 168 28.07 -20.61 -52.22
CA THR C 168 29.43 -21.16 -52.21
C THR C 168 30.48 -20.26 -52.89
N SER C 169 31.05 -19.37 -52.10
CA SER C 169 32.15 -18.47 -52.49
C SER C 169 32.02 -17.39 -53.56
N GLY C 170 31.36 -16.29 -53.18
CA GLY C 170 31.28 -15.10 -53.99
C GLY C 170 31.49 -13.82 -53.21
N GLY C 171 32.36 -13.89 -52.20
CA GLY C 171 32.63 -12.72 -51.37
C GLY C 171 31.81 -12.84 -50.11
N THR C 172 30.95 -11.87 -49.84
CA THR C 172 29.99 -12.01 -48.76
C THR C 172 28.66 -12.47 -49.33
N ALA C 173 27.94 -13.26 -48.55
CA ALA C 173 26.57 -13.60 -48.85
C ALA C 173 25.66 -13.18 -47.71
N ALA C 174 24.39 -12.98 -48.01
CA ALA C 174 23.39 -12.65 -47.01
C ALA C 174 22.27 -13.68 -47.04
N LEU C 175 21.79 -14.07 -45.87
CA LEU C 175 20.72 -15.04 -45.74
C LEU C 175 19.90 -14.70 -44.51
N GLY C 176 18.67 -15.19 -44.45
CA GLY C 176 17.88 -14.79 -43.31
C GLY C 176 16.59 -15.56 -43.15
N CYS C 177 15.85 -15.16 -42.13
CA CYS C 177 14.55 -15.68 -41.79
C CYS C 177 13.53 -14.55 -41.90
N LEU C 178 12.40 -14.84 -42.52
CA LEU C 178 11.24 -13.97 -42.53
C LEU C 178 10.21 -14.52 -41.55
N VAL C 179 9.75 -13.68 -40.63
CA VAL C 179 8.88 -14.10 -39.54
C VAL C 179 7.55 -13.38 -39.74
N LYS C 180 6.57 -14.07 -40.30
CA LYS C 180 5.34 -13.45 -40.77
C LYS C 180 4.12 -13.89 -39.97
N ASP C 181 3.15 -12.97 -39.90
CA ASP C 181 1.78 -13.25 -39.48
C ASP C 181 1.72 -13.74 -38.02
N TYR C 182 2.14 -12.85 -37.13
CA TYR C 182 2.10 -13.12 -35.70
C TYR C 182 1.58 -11.89 -34.95
N PHE C 183 1.02 -12.14 -33.77
CA PHE C 183 0.43 -11.14 -32.91
C PHE C 183 0.34 -11.77 -31.55
N PRO C 184 0.71 -11.06 -30.48
CA PRO C 184 1.30 -9.73 -30.61
C PRO C 184 2.81 -9.79 -30.54
N GLU C 185 3.41 -8.62 -30.41
CA GLU C 185 4.82 -8.51 -30.14
C GLU C 185 5.13 -8.95 -28.72
N PRO C 186 6.39 -9.29 -28.42
CA PRO C 186 7.47 -9.44 -29.38
C PRO C 186 7.85 -10.89 -29.63
N VAL C 187 8.49 -11.13 -30.76
CA VAL C 187 9.22 -12.35 -30.99
C VAL C 187 10.67 -12.06 -30.65
N THR C 188 11.47 -13.10 -30.53
CA THR C 188 12.91 -12.95 -30.37
C THR C 188 13.61 -13.92 -31.29
N VAL C 189 14.58 -13.44 -32.04
CA VAL C 189 15.33 -14.28 -32.96
C VAL C 189 16.77 -14.41 -32.47
N SER C 190 17.35 -15.56 -32.73
CA SER C 190 18.77 -15.77 -32.52
C SER C 190 19.21 -16.73 -33.62
N TRP C 191 20.50 -16.73 -33.91
CA TRP C 191 20.99 -17.55 -35.01
C TRP C 191 21.91 -18.62 -34.46
N ASN C 192 21.80 -19.81 -35.05
CA ASN C 192 22.53 -21.00 -34.63
C ASN C 192 22.48 -21.16 -33.12
N SER C 193 21.32 -20.86 -32.53
CA SER C 193 21.09 -20.98 -31.09
C SER C 193 22.10 -20.16 -30.30
N GLY C 194 22.26 -18.89 -30.71
CA GLY C 194 23.11 -17.95 -30.00
C GLY C 194 24.58 -17.96 -30.38
N ALA C 195 25.05 -18.96 -31.13
CA ALA C 195 26.46 -19.07 -31.47
C ALA C 195 26.91 -18.13 -32.59
N LEU C 196 26.03 -17.29 -33.13
CA LEU C 196 26.37 -16.42 -34.26
C LEU C 196 25.72 -15.07 -34.03
N THR C 197 26.53 -14.07 -33.67
CA THR C 197 26.05 -12.71 -33.45
C THR C 197 26.64 -11.68 -34.40
N SER C 198 27.87 -11.86 -34.86
CA SER C 198 28.46 -10.90 -35.79
C SER C 198 27.63 -10.82 -37.07
N GLY C 199 27.19 -9.62 -37.40
CA GLY C 199 26.52 -9.39 -38.65
C GLY C 199 25.04 -9.66 -38.64
N VAL C 200 24.45 -9.91 -37.48
CA VAL C 200 23.05 -10.21 -37.40
C VAL C 200 22.28 -8.90 -37.31
N HIS C 201 21.30 -8.73 -38.20
CA HIS C 201 20.39 -7.59 -38.11
C HIS C 201 18.98 -8.13 -38.03
N THR C 202 18.30 -7.75 -36.96
CA THR C 202 16.90 -8.07 -36.79
C THR C 202 16.14 -6.74 -36.85
N PHE C 203 15.35 -6.59 -37.90
CA PHE C 203 14.61 -5.36 -38.13
C PHE C 203 13.41 -5.24 -37.16
N PRO C 204 13.08 -4.00 -36.78
CA PRO C 204 11.85 -3.78 -36.00
C PRO C 204 10.64 -4.34 -36.70
N ALA C 205 9.68 -4.83 -35.90
CA ALA C 205 8.49 -5.46 -36.48
C ALA C 205 7.57 -4.41 -37.13
N VAL C 206 6.80 -4.87 -38.12
CA VAL C 206 5.92 -4.01 -38.92
C VAL C 206 4.49 -4.53 -38.89
N LEU C 207 3.53 -3.65 -38.59
CA LEU C 207 2.11 -3.98 -38.61
C LEU C 207 1.56 -3.90 -40.02
N GLN C 208 1.10 -5.04 -40.55
CA GLN C 208 0.48 -5.06 -41.88
C GLN C 208 -0.95 -4.54 -41.82
N SER C 209 -1.63 -4.53 -42.97
CA SER C 209 -3.02 -4.04 -43.03
C SER C 209 -4.02 -5.07 -42.50
N SER C 210 -3.55 -6.14 -41.87
CA SER C 210 -4.42 -7.21 -41.40
C SER C 210 -4.24 -7.48 -39.91
N GLY C 211 -3.62 -6.57 -39.16
CA GLY C 211 -3.46 -6.71 -37.72
C GLY C 211 -2.35 -7.63 -37.25
N LEU C 212 -1.67 -8.30 -38.15
CA LEU C 212 -0.59 -9.16 -37.72
C LEU C 212 0.77 -8.51 -37.97
N TYR C 213 1.73 -8.87 -37.13
CA TYR C 213 3.07 -8.34 -37.23
C TYR C 213 3.92 -9.18 -38.18
N SER C 214 4.90 -8.52 -38.81
CA SER C 214 5.82 -9.20 -39.70
C SER C 214 7.21 -8.59 -39.53
N LEU C 215 8.23 -9.42 -39.74
CA LEU C 215 9.57 -9.04 -39.34
C LEU C 215 10.55 -9.99 -40.03
N SER C 216 11.74 -9.48 -40.31
CA SER C 216 12.78 -10.30 -40.93
C SER C 216 14.07 -10.15 -40.14
N SER C 217 14.90 -11.18 -40.22
CA SER C 217 16.20 -11.20 -39.54
C SER C 217 17.24 -11.73 -40.51
N VAL C 218 18.38 -11.04 -40.61
CA VAL C 218 19.36 -11.35 -41.62
C VAL C 218 20.76 -11.29 -41.02
N VAL C 219 21.68 -12.04 -41.62
CA VAL C 219 23.08 -12.05 -41.24
C VAL C 219 23.91 -12.06 -42.51
N THR C 220 25.08 -11.43 -42.48
CA THR C 220 26.08 -11.63 -43.52
C THR C 220 27.14 -12.60 -43.03
N VAL C 221 27.42 -13.61 -43.85
CA VAL C 221 28.37 -14.66 -43.54
C VAL C 221 29.23 -14.84 -44.78
N PRO C 222 30.45 -15.36 -44.63
CA PRO C 222 31.29 -15.59 -45.82
C PRO C 222 30.66 -16.67 -46.67
N SER C 223 30.64 -16.43 -47.97
CA SER C 223 30.01 -17.40 -48.86
C SER C 223 30.64 -18.79 -48.75
N SER C 224 31.91 -18.86 -48.32
CA SER C 224 32.57 -20.15 -48.09
C SER C 224 31.70 -21.05 -47.22
N SER C 225 31.12 -20.50 -46.18
CA SER C 225 30.33 -21.29 -45.24
C SER C 225 29.03 -21.80 -45.85
N LEU C 226 28.70 -21.41 -47.08
CA LEU C 226 27.40 -21.81 -47.62
C LEU C 226 27.31 -23.32 -47.82
N GLY C 227 28.39 -23.93 -48.31
CA GLY C 227 28.36 -25.37 -48.51
C GLY C 227 28.47 -26.14 -47.21
N THR C 228 29.38 -25.72 -46.32
CA THR C 228 29.83 -26.53 -45.18
C THR C 228 29.59 -25.84 -43.85
N GLN C 229 28.54 -25.03 -43.75
CA GLN C 229 28.12 -24.47 -42.47
C GLN C 229 26.60 -24.38 -42.45
N THR C 230 26.00 -24.86 -41.37
CA THR C 230 24.55 -24.93 -41.27
C THR C 230 24.07 -23.71 -40.49
N TYR C 231 23.18 -22.94 -41.10
CA TYR C 231 22.68 -21.71 -40.51
C TYR C 231 21.22 -21.88 -40.18
N ILE C 232 20.89 -21.72 -38.90
CA ILE C 232 19.55 -21.98 -38.39
C ILE C 232 19.13 -20.80 -37.53
N CYS C 233 17.99 -20.20 -37.84
CA CYS C 233 17.46 -19.11 -37.02
C CYS C 233 16.42 -19.73 -36.08
N ASN C 234 16.32 -19.17 -34.88
CA ASN C 234 15.48 -19.68 -33.82
C ASN C 234 14.52 -18.60 -33.38
N VAL C 235 13.27 -18.71 -33.77
CA VAL C 235 12.23 -17.77 -33.37
C VAL C 235 11.51 -18.31 -32.15
N ASN C 236 11.33 -17.47 -31.15
CA ASN C 236 10.60 -17.85 -29.95
C ASN C 236 9.61 -16.74 -29.68
N HIS C 237 8.32 -17.07 -29.77
CA HIS C 237 7.24 -16.13 -29.52
C HIS C 237 6.53 -16.58 -28.25
N LYS C 238 6.61 -15.77 -27.19
CA LYS C 238 5.98 -16.19 -25.93
C LYS C 238 4.46 -16.10 -25.98
N PRO C 239 3.83 -14.95 -26.30
CA PRO C 239 2.39 -14.82 -26.08
C PRO C 239 1.51 -15.88 -26.73
N SER C 240 2.11 -16.74 -27.56
CA SER C 240 1.45 -17.96 -28.01
C SER C 240 2.33 -19.17 -27.72
N ASN C 241 3.41 -18.97 -26.96
CA ASN C 241 4.39 -19.99 -26.58
C ASN C 241 4.74 -20.88 -27.77
N THR C 242 5.29 -20.23 -28.79
CA THR C 242 5.75 -20.89 -30.01
C THR C 242 7.28 -20.86 -30.07
N LYS C 243 7.85 -21.85 -30.75
CA LYS C 243 9.30 -21.83 -30.90
C LYS C 243 9.65 -22.63 -32.16
N VAL C 244 10.10 -21.92 -33.19
CA VAL C 244 10.39 -22.53 -34.48
C VAL C 244 11.92 -22.56 -34.66
N ASP C 245 12.36 -23.33 -35.67
CA ASP C 245 13.78 -23.47 -35.99
C ASP C 245 13.88 -23.77 -37.48
N LYS C 246 14.35 -22.82 -38.27
CA LYS C 246 14.39 -22.98 -39.72
C LYS C 246 15.84 -23.04 -40.17
N LYS C 247 16.18 -24.13 -40.88
CA LYS C 247 17.46 -24.24 -41.55
C LYS C 247 17.42 -23.44 -42.85
N VAL C 248 18.49 -22.68 -43.10
CA VAL C 248 18.63 -21.89 -44.31
C VAL C 248 19.75 -22.50 -45.13
N GLU C 249 19.50 -22.65 -46.43
CA GLU C 249 20.35 -23.44 -47.32
C GLU C 249 20.16 -22.91 -48.72
N PRO C 250 21.18 -23.00 -49.58
CA PRO C 250 20.97 -22.65 -50.99
C PRO C 250 19.74 -23.34 -51.61
N SER D 24 -7.36 28.59 -26.85
CA SER D 24 -6.55 28.08 -27.95
C SER D 24 -5.37 27.29 -27.39
N ASP D 25 -5.10 26.12 -27.97
CA ASP D 25 -3.89 25.38 -27.63
C ASP D 25 -2.67 26.11 -28.14
N ILE D 26 -1.73 26.41 -27.24
CA ILE D 26 -0.41 26.87 -27.65
C ILE D 26 0.35 25.69 -28.22
N GLN D 27 0.80 25.83 -29.47
CA GLN D 27 1.55 24.76 -30.10
C GLN D 27 3.06 25.02 -29.99
N MET D 28 3.82 23.94 -29.84
CA MET D 28 5.27 23.91 -29.69
C MET D 28 5.89 23.27 -30.93
N THR D 29 6.68 24.03 -31.68
CA THR D 29 7.17 23.54 -32.97
C THR D 29 8.70 23.45 -32.98
N GLN D 30 9.21 22.24 -33.21
CA GLN D 30 10.61 21.91 -32.97
C GLN D 30 11.36 21.65 -34.27
N SER D 31 12.52 22.30 -34.42
CA SER D 31 13.41 22.08 -35.56
C SER D 31 14.89 22.00 -35.16
N PRO D 32 15.66 21.13 -35.83
CA PRO D 32 15.23 20.17 -36.87
C PRO D 32 14.63 18.89 -36.28
N SER D 33 14.04 18.03 -37.09
CA SER D 33 13.54 16.77 -36.58
C SER D 33 14.67 15.89 -36.07
N SER D 34 15.81 15.93 -36.75
CA SER D 34 16.99 15.23 -36.25
C SER D 34 18.21 16.03 -36.65
N LEU D 35 19.36 15.62 -36.10
CA LEU D 35 20.64 16.16 -36.55
C LEU D 35 21.74 15.20 -36.15
N SER D 36 22.87 15.29 -36.85
CA SER D 36 24.05 14.50 -36.55
C SER D 36 25.14 15.42 -36.02
N ALA D 37 25.81 14.95 -34.96
CA ALA D 37 26.96 15.61 -34.38
C ALA D 37 27.97 14.55 -33.95
N SER D 38 29.08 15.03 -33.42
CA SER D 38 30.16 14.21 -32.93
C SER D 38 30.45 14.61 -31.50
N VAL D 39 30.97 13.66 -30.72
CA VAL D 39 31.51 13.98 -29.41
C VAL D 39 32.43 15.18 -29.52
N GLY D 40 32.19 16.18 -28.65
CA GLY D 40 32.92 17.41 -28.65
C GLY D 40 32.16 18.59 -29.23
N ASP D 41 31.18 18.32 -30.08
CA ASP D 41 30.43 19.37 -30.76
C ASP D 41 29.54 20.16 -29.79
N ARG D 42 29.30 21.42 -30.18
CA ARG D 42 28.24 22.24 -29.62
C ARG D 42 26.96 21.95 -30.40
N VAL D 43 25.86 21.70 -29.68
CA VAL D 43 24.58 21.34 -30.29
C VAL D 43 23.52 22.32 -29.82
N THR D 44 22.70 22.77 -30.77
CA THR D 44 21.61 23.69 -30.53
C THR D 44 20.30 23.12 -31.07
N ILE D 45 19.26 23.10 -30.22
CA ILE D 45 17.90 22.73 -30.59
C ILE D 45 17.01 23.92 -30.30
N THR D 46 16.15 24.27 -31.26
CA THR D 46 15.22 25.39 -31.05
C THR D 46 13.78 24.91 -31.13
N CYS D 47 12.90 25.75 -30.63
CA CYS D 47 11.50 25.42 -30.44
C CYS D 47 10.76 26.75 -30.43
N ARG D 48 9.85 26.94 -31.39
CA ARG D 48 9.04 28.16 -31.47
C ARG D 48 7.68 27.88 -30.85
N ALA D 49 7.19 28.83 -30.06
CA ALA D 49 5.87 28.72 -29.46
C ALA D 49 4.85 29.42 -30.35
N SER D 50 3.65 28.84 -30.43
CA SER D 50 2.55 29.49 -31.14
C SER D 50 2.36 30.95 -30.70
N GLN D 51 2.61 31.25 -29.43
CA GLN D 51 2.46 32.59 -28.87
C GLN D 51 3.28 32.64 -27.60
N SER D 52 3.40 33.84 -27.03
CA SER D 52 4.25 34.00 -25.87
C SER D 52 3.87 33.00 -24.77
N VAL D 53 4.88 32.42 -24.11
CA VAL D 53 4.63 31.54 -22.98
C VAL D 53 5.51 32.04 -21.84
N TYR D 54 6.00 33.23 -22.03
CA TYR D 54 6.79 34.10 -21.19
C TYR D 54 8.14 33.52 -20.79
N TYR D 55 8.17 32.42 -20.03
CA TYR D 55 9.40 31.73 -19.70
C TYR D 55 9.06 30.30 -19.34
N SER D 56 7.79 29.94 -19.52
CA SER D 56 7.26 28.68 -18.97
C SER D 56 7.45 27.54 -19.96
N VAL D 57 8.73 27.26 -20.24
CA VAL D 57 9.20 26.21 -21.15
C VAL D 57 10.14 25.28 -20.38
N ALA D 58 9.96 23.97 -20.55
CA ALA D 58 10.90 22.99 -20.05
C ALA D 58 11.42 22.19 -21.21
N TRP D 59 12.60 21.58 -21.02
CA TRP D 59 13.21 20.70 -22.02
C TRP D 59 13.50 19.32 -21.41
N TYR D 60 13.17 18.27 -22.14
CA TYR D 60 13.32 16.91 -21.68
C TYR D 60 14.16 16.10 -22.65
N GLN D 61 14.78 15.07 -22.10
CA GLN D 61 15.60 14.13 -22.85
C GLN D 61 15.01 12.73 -22.72
N GLN D 62 14.92 12.00 -23.82
CA GLN D 62 14.49 10.61 -23.71
C GLN D 62 15.36 9.70 -24.57
N LYS D 63 15.88 8.67 -23.96
CA LYS D 63 16.63 7.67 -24.72
C LYS D 63 15.71 6.51 -25.05
N PRO D 64 15.92 5.85 -26.20
CA PRO D 64 14.87 4.99 -26.78
C PRO D 64 14.28 3.99 -25.78
N GLY D 65 12.96 3.91 -25.80
CA GLY D 65 12.26 3.02 -24.89
C GLY D 65 12.51 3.31 -23.44
N LYS D 66 12.62 4.59 -23.06
CA LYS D 66 12.85 4.93 -21.67
C LYS D 66 12.12 6.22 -21.28
N ALA D 67 12.07 6.47 -19.98
CA ALA D 67 11.37 7.65 -19.48
C ALA D 67 12.12 8.93 -19.87
N PRO D 68 11.40 9.99 -20.23
CA PRO D 68 12.00 11.33 -20.21
C PRO D 68 12.63 11.64 -18.87
N LYS D 69 13.67 12.46 -18.92
CA LYS D 69 14.29 13.06 -17.75
C LYS D 69 14.26 14.56 -17.97
N LEU D 70 14.03 15.30 -16.90
CA LEU D 70 13.94 16.75 -17.00
C LEU D 70 15.32 17.39 -16.90
N LEU D 71 15.60 18.31 -17.82
CA LEU D 71 16.86 19.04 -17.92
C LEU D 71 16.76 20.49 -17.45
N ILE D 72 15.91 21.26 -18.13
CA ILE D 72 15.75 22.69 -17.93
C ILE D 72 14.28 22.97 -17.65
N TYR D 73 14.00 23.91 -16.75
CA TYR D 73 12.70 24.53 -16.55
C TYR D 73 12.88 26.04 -16.55
N SER D 74 11.76 26.78 -16.67
CA SER D 74 11.80 28.25 -16.75
C SER D 74 12.75 28.74 -17.82
N ALA D 75 12.84 27.99 -18.92
CA ALA D 75 13.60 28.30 -20.12
C ALA D 75 15.10 28.24 -19.94
N SER D 76 15.62 28.40 -18.71
CA SER D 76 17.06 28.38 -18.51
C SER D 76 17.52 27.81 -17.18
N TYR D 77 16.66 27.39 -16.27
CA TYR D 77 17.17 26.89 -15.00
C TYR D 77 17.50 25.42 -15.15
N LEU D 78 18.67 25.05 -14.65
CA LEU D 78 19.20 23.71 -14.76
C LEU D 78 18.58 22.86 -13.64
N TYR D 79 17.76 21.87 -14.01
CA TYR D 79 17.22 20.96 -13.01
C TYR D 79 18.36 20.21 -12.34
N SER D 80 18.23 19.99 -11.03
CA SER D 80 19.32 19.46 -10.21
C SER D 80 19.79 18.11 -10.74
N GLY D 81 21.11 17.96 -10.84
CA GLY D 81 21.72 16.76 -11.37
C GLY D 81 21.92 16.77 -12.86
N VAL D 82 21.50 17.83 -13.53
CA VAL D 82 21.68 17.95 -14.98
C VAL D 82 23.04 18.58 -15.23
N PRO D 83 23.99 17.87 -15.83
CA PRO D 83 25.33 18.42 -16.06
C PRO D 83 25.28 19.81 -16.68
N SER D 84 26.15 20.69 -16.21
CA SER D 84 26.09 22.10 -16.57
C SER D 84 26.32 22.37 -18.06
N ARG D 85 26.73 21.37 -18.83
CA ARG D 85 26.90 21.53 -20.28
C ARG D 85 25.58 21.80 -20.97
N PHE D 86 24.46 21.55 -20.28
CA PHE D 86 23.13 21.86 -20.77
C PHE D 86 22.75 23.26 -20.37
N SER D 87 22.34 24.07 -21.35
CA SER D 87 21.91 25.44 -21.08
C SER D 87 20.67 25.70 -21.94
N GLY D 88 19.82 26.62 -21.48
CA GLY D 88 18.67 27.04 -22.26
C GLY D 88 18.48 28.54 -22.27
N SER D 89 17.90 29.03 -23.36
CA SER D 89 17.71 30.47 -23.49
C SER D 89 16.37 30.77 -24.16
N ARG D 90 16.04 32.07 -24.22
CA ARG D 90 14.82 32.54 -24.86
C ARG D 90 15.13 33.69 -25.80
N SER D 91 14.37 33.77 -26.89
CA SER D 91 14.36 34.96 -27.76
C SER D 91 12.95 35.18 -28.26
N GLY D 92 12.20 36.05 -27.59
CA GLY D 92 10.80 36.21 -27.94
C GLY D 92 10.05 34.92 -27.66
N THR D 93 9.48 34.29 -28.68
CA THR D 93 8.86 32.98 -28.51
C THR D 93 9.80 31.86 -28.93
N ASP D 94 11.09 32.17 -29.12
CA ASP D 94 12.07 31.21 -29.59
C ASP D 94 12.88 30.67 -28.41
N PHE D 95 12.98 29.36 -28.32
CA PHE D 95 13.59 28.74 -27.16
C PHE D 95 14.69 27.80 -27.61
N THR D 96 15.84 27.91 -26.97
CA THR D 96 17.03 27.23 -27.45
C THR D 96 17.60 26.37 -26.35
N LEU D 97 17.93 25.14 -26.71
CA LEU D 97 18.62 24.20 -25.84
C LEU D 97 20.00 23.96 -26.44
N THR D 98 21.03 24.13 -25.63
CA THR D 98 22.40 24.08 -26.08
C THR D 98 23.14 23.07 -25.23
N ILE D 99 23.81 22.14 -25.89
CA ILE D 99 24.78 21.29 -25.20
C ILE D 99 26.15 21.81 -25.60
N SER D 100 26.88 22.42 -24.66
CA SER D 100 28.14 23.07 -25.01
C SER D 100 29.10 22.08 -25.66
N SER D 101 29.40 20.97 -24.97
CA SER D 101 30.28 19.92 -25.48
C SER D 101 29.60 18.57 -25.35
N LEU D 102 29.38 17.90 -26.48
CA LEU D 102 28.48 16.75 -26.56
C LEU D 102 29.13 15.48 -26.02
N GLN D 103 28.49 14.84 -25.08
CA GLN D 103 29.01 13.62 -24.51
C GLN D 103 28.37 12.42 -25.19
N PRO D 104 29.00 11.25 -25.08
CA PRO D 104 28.39 10.03 -25.65
C PRO D 104 27.00 9.75 -25.10
N GLU D 105 26.75 10.05 -23.83
CA GLU D 105 25.45 9.82 -23.21
C GLU D 105 24.36 10.76 -23.74
N ASP D 106 24.69 11.79 -24.53
CA ASP D 106 23.74 12.83 -24.89
C ASP D 106 23.00 12.57 -26.20
N PHE D 107 23.41 11.57 -26.97
CA PHE D 107 22.64 11.20 -28.15
C PHE D 107 21.33 10.63 -27.69
N ALA D 108 20.25 11.33 -27.98
CA ALA D 108 18.91 10.98 -27.52
C ALA D 108 17.94 11.90 -28.23
N THR D 109 16.67 11.80 -27.84
CA THR D 109 15.63 12.68 -28.33
C THR D 109 15.34 13.74 -27.27
N TYR D 110 15.11 14.96 -27.73
CA TYR D 110 14.92 16.12 -26.88
C TYR D 110 13.58 16.71 -27.23
N TYR D 111 12.78 17.04 -26.20
CA TYR D 111 11.45 17.60 -26.37
C TYR D 111 11.36 18.89 -25.57
N CYS D 112 10.67 19.90 -26.12
CA CYS D 112 10.28 21.09 -25.35
C CYS D 112 8.83 21.01 -24.88
N GLN D 113 8.55 21.77 -23.84
CA GLN D 113 7.18 21.77 -23.35
C GLN D 113 6.79 23.15 -22.86
N GLN D 114 5.61 23.60 -23.23
CA GLN D 114 5.10 24.86 -22.71
C GLN D 114 4.16 24.54 -21.57
N TYR D 115 4.29 25.27 -20.48
CA TYR D 115 3.25 25.16 -19.47
C TYR D 115 2.74 26.53 -19.05
N ARG D 116 2.70 27.46 -20.00
CA ARG D 116 2.05 28.74 -19.73
C ARG D 116 0.54 28.58 -19.53
N ARG D 117 -0.13 27.81 -20.37
CA ARG D 117 -1.56 27.61 -20.24
C ARG D 117 -1.90 26.13 -20.34
N ARG D 118 -2.71 25.65 -19.43
CA ARG D 118 -3.29 24.31 -19.56
C ARG D 118 -4.19 24.28 -20.81
N PRO D 119 -4.14 23.19 -21.60
CA PRO D 119 -3.29 22.01 -21.35
C PRO D 119 -1.82 22.21 -21.69
N ILE D 120 -0.94 21.49 -21.02
CA ILE D 120 0.47 21.54 -21.39
C ILE D 120 0.65 20.97 -22.80
N THR D 121 1.78 21.33 -23.43
CA THR D 121 1.98 21.02 -24.83
C THR D 121 3.42 20.71 -25.09
N PHE D 122 3.68 19.81 -26.03
CA PHE D 122 5.03 19.40 -26.39
C PHE D 122 5.31 19.61 -27.86
N GLY D 123 6.59 19.86 -28.16
CA GLY D 123 7.08 19.78 -29.52
C GLY D 123 7.28 18.33 -29.94
N GLN D 124 7.49 18.12 -31.25
CA GLN D 124 7.57 16.75 -31.74
C GLN D 124 8.86 16.06 -31.33
N GLY D 125 9.91 16.83 -31.08
CA GLY D 125 11.17 16.27 -30.63
C GLY D 125 12.28 16.36 -31.67
N THR D 126 13.49 16.62 -31.19
CA THR D 126 14.69 16.57 -32.01
C THR D 126 15.54 15.40 -31.58
N LYS D 127 15.82 14.50 -32.53
CA LYS D 127 16.68 13.34 -32.30
C LYS D 127 18.12 13.68 -32.69
N VAL D 128 19.04 13.55 -31.73
CA VAL D 128 20.45 13.88 -31.95
C VAL D 128 21.21 12.58 -32.20
N GLU D 129 21.56 12.34 -33.46
CA GLU D 129 22.23 11.11 -33.90
C GLU D 129 23.75 11.32 -34.11
N ILE D 130 24.47 10.21 -34.22
CA ILE D 130 25.93 10.25 -34.36
C ILE D 130 26.32 10.53 -35.80
N LYS D 131 27.25 11.47 -35.99
CA LYS D 131 27.83 11.72 -37.30
C LYS D 131 28.88 10.66 -37.67
N ARG D 132 28.90 10.27 -38.92
CA ARG D 132 29.97 9.43 -39.44
C ARG D 132 30.01 9.63 -40.95
N THR D 133 30.96 8.95 -41.58
CA THR D 133 31.18 9.17 -43.00
C THR D 133 30.13 8.41 -43.81
N VAL D 134 30.03 8.78 -45.09
CA VAL D 134 29.07 8.15 -45.98
C VAL D 134 29.46 6.70 -46.20
N ALA D 135 28.47 5.83 -46.21
CA ALA D 135 28.66 4.43 -46.49
C ALA D 135 27.50 3.97 -47.35
N ALA D 136 27.81 3.37 -48.48
CA ALA D 136 26.84 2.88 -49.44
C ALA D 136 26.21 1.58 -48.95
N PRO D 137 24.95 1.33 -49.31
CA PRO D 137 24.28 0.10 -48.87
C PRO D 137 24.67 -1.09 -49.73
N SER D 138 24.98 -2.22 -49.08
CA SER D 138 25.00 -3.50 -49.77
C SER D 138 23.58 -3.99 -49.96
N VAL D 139 23.22 -4.31 -51.21
CA VAL D 139 21.86 -4.67 -51.61
C VAL D 139 21.81 -6.16 -51.87
N PHE D 140 20.85 -6.84 -51.27
CA PHE D 140 20.58 -8.26 -51.48
C PHE D 140 19.08 -8.45 -51.64
N ILE D 141 18.69 -9.28 -52.60
CA ILE D 141 17.28 -9.52 -52.91
C ILE D 141 16.98 -11.00 -52.71
N PHE D 142 15.77 -11.29 -52.21
CA PHE D 142 15.35 -12.65 -51.89
C PHE D 142 13.99 -12.87 -52.52
N PRO D 143 13.81 -13.90 -53.34
CA PRO D 143 12.47 -14.28 -53.81
C PRO D 143 11.71 -14.97 -52.69
N PRO D 144 10.38 -15.13 -52.82
CA PRO D 144 9.63 -15.86 -51.80
C PRO D 144 10.05 -17.33 -51.73
N SER D 145 9.86 -17.92 -50.55
CA SER D 145 10.22 -19.31 -50.30
C SER D 145 9.20 -20.29 -50.89
N ASP D 146 9.67 -21.51 -51.16
CA ASP D 146 8.75 -22.58 -51.53
C ASP D 146 7.73 -22.79 -50.43
N GLU D 147 8.14 -22.62 -49.17
CA GLU D 147 7.21 -22.77 -48.06
C GLU D 147 6.12 -21.71 -48.13
N GLN D 148 6.51 -20.44 -48.26
CA GLN D 148 5.51 -19.38 -48.34
C GLN D 148 4.62 -19.57 -49.55
N LEU D 149 5.22 -19.94 -50.69
CA LEU D 149 4.44 -20.17 -51.91
C LEU D 149 3.33 -21.19 -51.69
N LYS D 150 3.48 -22.08 -50.71
CA LYS D 150 2.38 -23.00 -50.41
C LYS D 150 1.25 -22.28 -49.67
N SER D 151 1.60 -21.35 -48.79
CA SER D 151 0.64 -20.64 -47.95
C SER D 151 -0.29 -19.70 -48.72
N GLY D 152 -0.02 -19.42 -50.00
CA GLY D 152 -0.88 -18.56 -50.79
C GLY D 152 -0.45 -17.10 -50.91
N THR D 153 0.64 -16.68 -50.28
CA THR D 153 1.14 -15.33 -50.47
C THR D 153 2.60 -15.39 -50.92
N ALA D 154 3.07 -14.28 -51.49
CA ALA D 154 4.45 -14.20 -51.95
C ALA D 154 5.05 -12.92 -51.39
N SER D 155 6.08 -13.07 -50.56
CA SER D 155 6.84 -11.94 -50.03
C SER D 155 8.19 -11.87 -50.71
N VAL D 156 8.51 -10.71 -51.28
CA VAL D 156 9.83 -10.44 -51.85
C VAL D 156 10.54 -9.48 -50.89
N VAL D 157 11.67 -9.92 -50.37
CA VAL D 157 12.43 -9.13 -49.40
C VAL D 157 13.64 -8.54 -50.10
N CYS D 158 13.97 -7.30 -49.75
CA CYS D 158 15.13 -6.60 -50.30
C CYS D 158 15.86 -5.93 -49.16
N LEU D 159 17.13 -6.26 -48.98
CA LEU D 159 17.90 -5.85 -47.80
C LEU D 159 18.96 -4.84 -48.21
N LEU D 160 19.07 -3.75 -47.43
CA LEU D 160 20.07 -2.69 -47.61
C LEU D 160 20.93 -2.66 -46.37
N ASN D 161 22.17 -3.10 -46.50
CA ASN D 161 23.01 -3.33 -45.34
C ASN D 161 24.03 -2.20 -45.15
N ASN D 162 24.13 -1.71 -43.92
CA ASN D 162 25.26 -0.95 -43.37
C ASN D 162 25.55 0.30 -44.21
N PHE D 163 24.58 1.20 -44.19
CA PHE D 163 24.71 2.43 -44.92
C PHE D 163 24.54 3.60 -43.98
N TYR D 164 24.86 4.78 -44.49
CA TYR D 164 24.73 6.04 -43.79
C TYR D 164 24.91 7.12 -44.84
N PRO D 165 24.12 8.21 -44.81
CA PRO D 165 23.11 8.62 -43.84
C PRO D 165 21.77 7.86 -44.04
N ARG D 166 20.74 8.14 -43.22
CA ARG D 166 19.56 7.25 -43.20
C ARG D 166 18.77 7.28 -44.50
N GLU D 167 18.78 8.39 -45.24
CA GLU D 167 17.85 8.59 -46.35
C GLU D 167 18.18 7.68 -47.53
N ALA D 168 17.46 6.57 -47.65
CA ALA D 168 17.54 5.73 -48.85
C ALA D 168 16.18 5.68 -49.52
N LYS D 169 16.16 5.23 -50.78
CA LYS D 169 14.94 5.04 -51.54
C LYS D 169 15.01 3.67 -52.19
N VAL D 170 13.99 2.83 -51.95
CA VAL D 170 13.89 1.47 -52.53
C VAL D 170 12.62 1.41 -53.38
N GLN D 171 12.79 1.34 -54.70
CA GLN D 171 11.67 1.23 -55.63
C GLN D 171 11.56 -0.20 -56.15
N TRP D 172 10.34 -0.74 -56.15
CA TRP D 172 10.07 -2.09 -56.64
C TRP D 172 9.63 -2.07 -58.10
N LYS D 173 10.24 -2.92 -58.91
CA LYS D 173 9.88 -3.03 -60.32
C LYS D 173 9.58 -4.49 -60.63
N VAL D 174 8.35 -4.77 -61.02
CA VAL D 174 7.97 -6.12 -61.47
C VAL D 174 7.77 -6.05 -62.98
N ASP D 175 8.69 -6.66 -63.73
CA ASP D 175 8.73 -6.53 -65.19
C ASP D 175 8.74 -5.05 -65.59
N ASN D 176 9.58 -4.28 -64.90
CA ASN D 176 9.79 -2.85 -65.10
C ASN D 176 8.59 -2.01 -64.67
N ALA D 177 7.47 -2.62 -64.28
CA ALA D 177 6.35 -1.87 -63.76
C ALA D 177 6.66 -1.43 -62.32
N LEU D 178 6.39 -0.17 -62.02
CA LEU D 178 6.67 0.37 -60.69
C LEU D 178 5.49 0.13 -59.76
N GLN D 179 5.80 -0.14 -58.49
CA GLN D 179 4.82 -0.58 -57.52
C GLN D 179 4.49 0.51 -56.50
N SER D 180 3.28 0.48 -55.97
CA SER D 180 2.97 1.32 -54.83
C SER D 180 1.97 0.61 -53.92
N GLY D 181 2.09 0.88 -52.63
CA GLY D 181 1.16 0.37 -51.65
C GLY D 181 1.37 -1.08 -51.25
N ASN D 182 2.09 -1.86 -52.05
CA ASN D 182 2.29 -3.28 -51.76
C ASN D 182 3.69 -3.58 -51.21
N SER D 183 4.36 -2.59 -50.62
CA SER D 183 5.59 -2.86 -49.90
C SER D 183 5.56 -2.10 -48.57
N GLN D 184 6.40 -2.55 -47.64
CA GLN D 184 6.62 -1.88 -46.36
C GLN D 184 8.09 -1.99 -45.98
N GLU D 185 8.59 -0.96 -45.32
CA GLU D 185 9.99 -0.87 -44.93
C GLU D 185 10.15 -0.90 -43.41
N SER D 186 11.31 -1.36 -42.96
CA SER D 186 11.76 -1.22 -41.57
C SER D 186 13.25 -0.89 -41.54
N VAL D 187 13.66 -0.14 -40.52
CA VAL D 187 15.05 0.32 -40.44
C VAL D 187 15.56 0.16 -39.01
N THR D 188 16.79 -0.35 -38.88
CA THR D 188 17.41 -0.41 -37.55
C THR D 188 17.76 0.99 -37.07
N GLU D 189 18.01 1.08 -35.77
CA GLU D 189 18.69 2.26 -35.26
C GLU D 189 20.18 2.16 -35.58
N GLN D 190 20.88 3.28 -35.39
CA GLN D 190 22.31 3.32 -35.69
C GLN D 190 23.04 2.19 -34.99
N ASP D 191 23.85 1.46 -35.75
CA ASP D 191 24.60 0.34 -35.20
C ASP D 191 25.45 0.76 -33.99
N SER D 192 25.53 -0.14 -33.00
CA SER D 192 26.22 0.17 -31.76
C SER D 192 27.73 0.39 -31.93
N LYS D 193 28.36 -0.14 -32.99
CA LYS D 193 29.80 0.04 -33.14
C LYS D 193 30.20 0.97 -34.28
N ASP D 194 29.60 0.88 -35.45
CA ASP D 194 30.00 1.74 -36.55
C ASP D 194 28.95 2.79 -36.92
N SER D 195 27.77 2.79 -36.28
CA SER D 195 26.75 3.83 -36.43
C SER D 195 26.10 3.84 -37.82
N THR D 196 26.00 2.69 -38.46
CA THR D 196 25.24 2.66 -39.71
C THR D 196 23.80 2.25 -39.46
N TYR D 197 23.03 2.34 -40.54
CA TYR D 197 21.64 1.89 -40.58
C TYR D 197 21.55 0.65 -41.46
N SER D 198 20.54 -0.17 -41.22
CA SER D 198 20.15 -1.19 -42.16
C SER D 198 18.64 -1.13 -42.39
N LEU D 199 18.22 -1.48 -43.59
CA LEU D 199 16.84 -1.34 -43.99
C LEU D 199 16.40 -2.58 -44.76
N SER D 200 15.20 -3.04 -44.47
CA SER D 200 14.57 -4.17 -45.15
C SER D 200 13.30 -3.65 -45.79
N SER D 201 13.01 -4.11 -46.99
CA SER D 201 11.75 -3.79 -47.64
C SER D 201 11.12 -5.05 -48.17
N THR D 202 9.85 -5.25 -47.83
CA THR D 202 9.12 -6.44 -48.22
C THR D 202 8.04 -6.03 -49.22
N LEU D 203 8.09 -6.59 -50.42
CA LEU D 203 7.05 -6.41 -51.42
C LEU D 203 6.14 -7.64 -51.43
N THR D 204 4.91 -7.48 -50.94
CA THR D 204 3.95 -8.57 -50.84
C THR D 204 2.95 -8.53 -51.99
N LEU D 205 2.75 -9.70 -52.60
CA LEU D 205 1.81 -9.92 -53.70
C LEU D 205 1.16 -11.29 -53.46
N SER D 206 -0.01 -11.54 -54.06
CA SER D 206 -0.68 -12.81 -53.86
C SER D 206 -0.02 -13.88 -54.71
N LYS D 207 0.02 -15.12 -54.19
CA LYS D 207 0.68 -16.19 -54.94
C LYS D 207 0.06 -16.34 -56.31
N ALA D 208 -1.26 -16.26 -56.40
CA ALA D 208 -1.90 -16.30 -57.70
C ALA D 208 -1.25 -15.29 -58.63
N ASP D 209 -0.93 -14.11 -58.12
CA ASP D 209 -0.43 -13.05 -58.98
C ASP D 209 1.07 -13.13 -59.21
N TYR D 210 1.85 -13.64 -58.25
CA TYR D 210 3.31 -13.65 -58.37
C TYR D 210 3.77 -14.43 -59.59
N GLU D 211 3.12 -15.57 -59.89
CA GLU D 211 3.57 -16.40 -61.00
C GLU D 211 3.01 -15.95 -62.34
N LYS D 212 2.13 -14.95 -62.34
CA LYS D 212 1.77 -14.29 -63.58
C LYS D 212 2.97 -13.60 -64.23
N HIS D 213 4.00 -13.26 -63.45
CA HIS D 213 5.15 -12.49 -63.89
C HIS D 213 6.45 -13.24 -63.64
N LYS D 214 7.56 -12.64 -64.14
CA LYS D 214 8.86 -13.29 -64.19
C LYS D 214 9.99 -12.52 -63.52
N VAL D 215 10.06 -11.19 -63.70
CA VAL D 215 11.25 -10.43 -63.30
C VAL D 215 10.86 -9.46 -62.19
N TYR D 216 11.50 -9.63 -61.04
CA TYR D 216 11.30 -8.78 -59.87
C TYR D 216 12.62 -8.06 -59.55
N ALA D 217 12.55 -6.75 -59.40
CA ALA D 217 13.75 -5.95 -59.31
C ALA D 217 13.67 -5.01 -58.11
N CYS D 218 14.78 -4.90 -57.40
CA CYS D 218 14.97 -3.92 -56.34
C CYS D 218 15.92 -2.85 -56.87
N GLU D 219 15.54 -1.58 -56.77
CA GLU D 219 16.36 -0.47 -57.21
C GLU D 219 16.54 0.55 -56.10
N VAL D 220 17.80 0.82 -55.75
CA VAL D 220 18.17 1.62 -54.59
C VAL D 220 18.91 2.89 -55.04
N THR D 221 18.54 4.02 -54.45
CA THR D 221 19.25 5.28 -54.65
C THR D 221 19.67 5.79 -53.28
N HIS D 222 20.90 6.28 -53.19
CA HIS D 222 21.48 6.69 -51.92
C HIS D 222 22.63 7.63 -52.25
N GLN D 223 23.03 8.46 -51.29
CA GLN D 223 24.17 9.37 -51.49
C GLN D 223 25.44 8.62 -51.88
N GLY D 224 25.76 7.54 -51.14
CA GLY D 224 26.96 6.76 -51.40
C GLY D 224 26.96 5.98 -52.72
N LEU D 225 25.92 6.12 -53.52
CA LEU D 225 25.80 5.45 -54.81
C LEU D 225 25.69 6.51 -55.88
N SER D 226 26.69 6.57 -56.75
CA SER D 226 26.68 7.57 -57.81
C SER D 226 25.60 7.29 -58.85
N SER D 227 25.18 6.04 -59.00
CA SER D 227 24.05 5.72 -59.85
C SER D 227 23.28 4.61 -59.16
N PRO D 228 21.99 4.44 -59.48
CA PRO D 228 21.16 3.48 -58.75
C PRO D 228 21.70 2.06 -58.86
N VAL D 229 21.52 1.29 -57.79
CA VAL D 229 21.90 -0.11 -57.75
C VAL D 229 20.64 -0.94 -57.95
N THR D 230 20.65 -1.78 -58.96
CA THR D 230 19.55 -2.69 -59.24
C THR D 230 19.96 -4.13 -58.93
N LYS D 231 19.03 -4.89 -58.37
CA LYS D 231 19.27 -6.31 -58.10
C LYS D 231 18.02 -7.09 -58.47
N SER D 232 18.15 -8.16 -59.26
CA SER D 232 16.99 -8.83 -59.83
C SER D 232 17.11 -10.35 -59.76
N PHE D 233 16.01 -11.00 -60.18
CA PHE D 233 15.94 -12.45 -60.33
C PHE D 233 14.73 -12.77 -61.21
N ASN D 234 14.73 -13.98 -61.77
CA ASN D 234 13.66 -14.53 -62.58
C ASN D 234 12.85 -15.59 -61.81
N ARG D 235 12.05 -16.35 -62.55
CA ARG D 235 10.97 -17.24 -62.03
C ARG D 235 10.38 -16.82 -60.70
N GLU E 27 -13.13 10.19 7.42
CA GLU E 27 -12.15 10.67 6.45
C GLU E 27 -10.74 10.12 6.73
N VAL E 28 -10.26 10.30 7.97
CA VAL E 28 -8.98 9.78 8.45
C VAL E 28 -9.19 8.41 9.10
N GLN E 29 -8.25 7.47 8.88
CA GLN E 29 -8.34 6.14 9.45
C GLN E 29 -6.96 5.66 9.88
N LEU E 30 -6.95 4.72 10.83
CA LEU E 30 -5.71 4.12 11.34
C LEU E 30 -6.03 2.70 11.82
N VAL E 31 -5.88 1.70 10.94
CA VAL E 31 -6.15 0.31 11.28
C VAL E 31 -4.83 -0.37 11.64
N GLU E 32 -4.73 -0.86 12.87
CA GLU E 32 -3.58 -1.61 13.34
C GLU E 32 -3.83 -3.12 13.27
N SER E 33 -2.73 -3.88 13.21
CA SER E 33 -2.79 -5.33 13.08
C SER E 33 -1.42 -5.92 13.40
N GLY E 34 -1.34 -7.25 13.34
CA GLY E 34 -0.12 -8.01 13.54
C GLY E 34 0.20 -8.39 14.97
N GLY E 35 -0.66 -8.07 15.92
CA GLY E 35 -0.46 -8.46 17.29
C GLY E 35 -1.05 -9.82 17.61
N GLY E 36 -0.95 -10.19 18.87
CA GLY E 36 -1.46 -11.48 19.30
C GLY E 36 -0.68 -12.01 20.49
N LEU E 37 -0.60 -13.33 20.55
CA LEU E 37 -0.01 -14.06 21.66
C LEU E 37 1.37 -14.59 21.28
N VAL E 38 2.33 -14.44 22.19
CA VAL E 38 3.70 -14.85 21.94
C VAL E 38 4.37 -15.12 23.28
N GLN E 39 5.32 -16.06 23.28
CA GLN E 39 6.12 -16.47 24.43
C GLN E 39 7.24 -15.48 24.69
N PRO E 40 7.73 -15.41 25.92
CA PRO E 40 8.88 -14.53 26.20
C PRO E 40 10.06 -14.84 25.29
N GLY E 41 10.80 -13.79 24.93
CA GLY E 41 11.83 -13.91 23.93
C GLY E 41 11.33 -13.68 22.52
N GLY E 42 10.09 -14.08 22.22
CA GLY E 42 9.56 -13.99 20.86
C GLY E 42 9.49 -12.60 20.27
N SER E 43 9.05 -12.52 19.01
CA SER E 43 9.03 -11.28 18.24
C SER E 43 7.67 -11.07 17.56
N LEU E 44 7.38 -9.81 17.23
CA LEU E 44 6.11 -9.46 16.59
C LEU E 44 6.31 -8.16 15.82
N ARG E 45 5.50 -7.99 14.77
CA ARG E 45 5.53 -6.80 13.92
C ARG E 45 4.14 -6.16 13.89
N LEU E 46 3.99 -5.01 14.53
CA LEU E 46 2.72 -4.31 14.43
C LEU E 46 2.74 -3.44 13.18
N SER E 47 1.56 -3.24 12.60
CA SER E 47 1.43 -2.43 11.41
C SER E 47 0.24 -1.51 11.58
N CYS E 48 0.46 -0.23 11.38
CA CYS E 48 -0.56 0.80 11.51
C CYS E 48 -0.74 1.37 10.11
N ALA E 49 -1.79 0.93 9.43
CA ALA E 49 -2.15 1.42 8.11
C ALA E 49 -2.97 2.68 8.23
N ALA E 50 -2.54 3.74 7.57
CA ALA E 50 -3.17 5.04 7.65
C ALA E 50 -3.94 5.31 6.38
N SER E 51 -5.06 5.99 6.54
CA SER E 51 -5.90 6.40 5.42
C SER E 51 -6.30 7.86 5.60
N GLY E 52 -6.53 8.55 4.50
CA GLY E 52 -6.99 9.92 4.61
C GLY E 52 -5.93 10.96 4.88
N PHE E 53 -4.72 10.56 5.25
CA PHE E 53 -3.60 11.50 5.38
C PHE E 53 -2.33 10.81 4.92
N SER E 54 -1.32 11.61 4.55
CA SER E 54 -0.03 11.09 4.13
C SER E 54 0.91 11.01 5.33
N LEU E 55 1.63 9.89 5.43
CA LEU E 55 2.60 9.70 6.53
C LEU E 55 3.65 10.80 6.57
N SER E 56 3.98 11.39 5.42
CA SER E 56 4.99 12.44 5.38
C SER E 56 4.48 13.77 5.90
N SER E 57 3.18 13.87 6.19
CA SER E 57 2.64 15.03 6.85
C SER E 57 2.41 14.76 8.33
N SER E 58 3.08 13.76 8.88
CA SER E 58 2.79 13.36 10.25
C SER E 58 4.05 12.87 10.93
N SER E 59 4.00 12.86 12.25
CA SER E 59 4.83 11.94 13.02
C SER E 59 3.89 10.90 13.63
N MET E 60 4.27 9.65 13.56
CA MET E 60 3.50 8.51 14.07
C MET E 60 4.06 8.07 15.42
N HIS E 61 3.19 7.51 16.28
CA HIS E 61 3.57 7.11 17.63
C HIS E 61 2.90 5.81 18.03
N TRP E 62 3.60 5.04 18.84
CA TRP E 62 3.01 3.88 19.50
C TRP E 62 2.90 4.17 20.98
N VAL E 63 1.71 3.97 21.52
CA VAL E 63 1.43 4.19 22.93
C VAL E 63 0.80 2.92 23.44
N ARG E 64 1.14 2.50 24.64
CA ARG E 64 0.57 1.26 25.10
C ARG E 64 -0.17 1.47 26.41
N GLN E 65 -1.13 0.57 26.64
CA GLN E 65 -1.97 0.54 27.83
C GLN E 65 -1.94 -0.89 28.38
N ALA E 66 -1.07 -1.14 29.36
CA ALA E 66 -1.09 -2.41 30.07
C ALA E 66 -2.49 -2.64 30.68
N PRO E 67 -2.92 -3.89 30.82
CA PRO E 67 -4.31 -4.14 31.28
C PRO E 67 -4.61 -3.48 32.62
N GLY E 68 -5.66 -2.66 32.62
CA GLY E 68 -6.08 -1.94 33.81
C GLY E 68 -5.27 -0.73 34.19
N LYS E 69 -4.14 -0.47 33.52
CA LYS E 69 -3.28 0.65 33.85
C LYS E 69 -3.45 1.79 32.83
N GLY E 70 -2.67 2.85 33.02
CA GLY E 70 -2.84 4.05 32.22
C GLY E 70 -2.34 3.87 30.80
N LEU E 71 -1.81 4.94 30.22
CA LEU E 71 -1.21 4.93 28.89
C LEU E 71 0.29 5.18 29.00
N GLU E 72 1.06 4.64 28.06
CA GLU E 72 2.49 4.95 28.00
C GLU E 72 3.04 4.91 26.59
N TRP E 73 3.90 5.90 26.35
CA TRP E 73 4.49 6.10 25.04
C TRP E 73 5.62 5.12 24.86
N VAL E 74 5.70 4.55 23.68
CA VAL E 74 6.74 3.57 23.37
C VAL E 74 7.80 4.17 22.45
N ALA E 75 7.39 4.72 21.32
CA ALA E 75 8.28 5.07 20.24
C ALA E 75 7.54 6.02 19.30
N SER E 76 8.31 6.81 18.56
CA SER E 76 7.78 7.77 17.58
C SER E 76 8.69 7.82 16.37
N ILE E 77 8.11 8.23 15.23
CA ILE E 77 8.88 8.42 14.02
C ILE E 77 8.29 9.58 13.26
N SER E 78 9.16 10.33 12.58
CA SER E 78 8.74 11.33 11.60
C SER E 78 9.16 10.85 10.22
N PRO E 79 8.26 10.28 9.42
CA PRO E 79 8.69 9.67 8.15
C PRO E 79 9.31 10.64 7.17
N TYR E 80 8.91 11.92 7.21
CA TYR E 80 9.50 12.89 6.29
C TYR E 80 11.01 12.97 6.47
N SER E 81 11.49 12.83 7.70
CA SER E 81 12.91 12.96 7.99
C SER E 81 13.59 11.66 8.42
N GLY E 82 12.83 10.61 8.77
CA GLY E 82 13.39 9.38 9.30
C GLY E 82 13.73 9.43 10.76
N SER E 83 13.58 10.59 11.39
CA SER E 83 13.91 10.75 12.80
C SER E 83 12.95 9.93 13.68
N THR E 84 13.51 9.24 14.67
CA THR E 84 12.80 8.27 15.49
C THR E 84 13.17 8.49 16.93
N SER E 85 12.35 7.96 17.83
CA SER E 85 12.64 8.11 19.24
C SER E 85 11.97 6.97 20.01
N TYR E 86 12.55 6.59 21.15
CA TYR E 86 12.10 5.41 21.88
C TYR E 86 12.05 5.68 23.38
N ALA E 87 11.08 5.05 24.05
CA ALA E 87 11.12 4.99 25.50
C ALA E 87 12.33 4.18 25.96
N ASP E 88 12.75 4.36 27.22
CA ASP E 88 13.97 3.66 27.66
C ASP E 88 13.73 2.18 27.93
N SER E 89 12.55 1.81 28.42
CA SER E 89 12.31 0.41 28.74
C SER E 89 12.39 -0.45 27.49
N VAL E 90 12.18 0.13 26.31
CA VAL E 90 12.16 -0.58 25.05
C VAL E 90 13.32 -0.18 24.13
N LYS E 91 14.21 0.71 24.56
CA LYS E 91 15.43 0.98 23.81
C LYS E 91 16.15 -0.33 23.59
N GLY E 92 16.50 -0.61 22.34
CA GLY E 92 17.25 -1.79 21.99
C GLY E 92 16.48 -3.08 21.83
N ARG E 93 15.15 -3.04 21.88
CA ARG E 93 14.37 -4.24 21.61
C ARG E 93 13.37 -3.97 20.51
N PHE E 94 12.86 -2.73 20.48
CA PHE E 94 11.81 -2.34 19.55
C PHE E 94 12.40 -1.44 18.48
N THR E 95 11.76 -1.42 17.31
CA THR E 95 12.21 -0.57 16.21
C THR E 95 10.98 -0.06 15.48
N ILE E 96 10.75 1.24 15.57
CA ILE E 96 9.73 1.89 14.77
C ILE E 96 10.31 2.24 13.39
N SER E 97 9.45 2.23 12.37
CA SER E 97 9.84 2.47 10.99
C SER E 97 8.60 2.75 10.18
N ALA E 98 8.78 3.45 9.06
CA ALA E 98 7.69 3.82 8.19
C ALA E 98 7.96 3.33 6.79
N ASP E 99 6.90 3.15 6.01
CA ASP E 99 7.01 2.83 4.60
C ASP E 99 5.95 3.65 3.89
N THR E 100 6.37 4.79 3.34
CA THR E 100 5.43 5.73 2.78
C THR E 100 4.80 5.23 1.48
N SER E 101 5.39 4.25 0.81
CA SER E 101 4.72 3.75 -0.39
C SER E 101 3.52 2.88 -0.06
N LYS E 102 3.49 2.29 1.13
CA LYS E 102 2.34 1.57 1.66
C LYS E 102 1.59 2.41 2.68
N ASN E 103 1.97 3.69 2.82
CA ASN E 103 1.41 4.66 3.78
C ASN E 103 1.14 4.01 5.13
N THR E 104 2.15 3.33 5.66
CA THR E 104 2.04 2.45 6.83
C THR E 104 3.24 2.59 7.73
N ALA E 105 3.03 2.53 9.05
CA ALA E 105 4.13 2.49 10.02
C ALA E 105 4.22 1.15 10.73
N TYR E 106 5.45 0.77 11.13
CA TYR E 106 5.72 -0.56 11.69
C TYR E 106 6.44 -0.44 13.01
N LEU E 107 6.15 -1.40 13.89
CA LEU E 107 6.80 -1.53 15.18
C LEU E 107 7.31 -2.96 15.26
N GLN E 108 8.63 -3.11 15.20
CA GLN E 108 9.28 -4.41 15.32
C GLN E 108 9.68 -4.61 16.78
N MET E 109 9.16 -5.70 17.37
CA MET E 109 9.30 -5.97 18.81
C MET E 109 10.08 -7.26 18.98
N ASN E 110 11.24 -7.18 19.63
CA ASN E 110 12.09 -8.33 19.84
C ASN E 110 12.30 -8.54 21.33
N SER E 111 12.66 -9.77 21.69
CA SER E 111 12.95 -10.15 23.07
C SER E 111 11.87 -9.64 24.02
N LEU E 112 10.65 -10.11 23.78
CA LEU E 112 9.51 -9.64 24.57
C LEU E 112 9.55 -10.26 25.96
N ARG E 113 9.31 -9.42 26.96
CA ARG E 113 9.13 -9.82 28.35
C ARG E 113 7.64 -9.71 28.66
N ALA E 114 7.25 -10.14 29.86
CA ALA E 114 5.83 -10.17 30.18
C ALA E 114 5.25 -8.79 30.47
N GLU E 115 6.09 -7.82 30.88
CA GLU E 115 5.70 -6.43 31.10
C GLU E 115 5.54 -5.65 29.79
N ASP E 116 5.66 -6.31 28.66
CA ASP E 116 5.30 -5.73 27.38
C ASP E 116 3.87 -6.03 27.01
N THR E 117 3.19 -6.89 27.78
CA THR E 117 1.77 -7.16 27.58
C THR E 117 0.96 -5.89 27.72
N ALA E 118 0.20 -5.53 26.69
CA ALA E 118 -0.58 -4.30 26.64
C ALA E 118 -1.41 -4.25 25.36
N VAL E 119 -2.40 -3.38 25.37
CA VAL E 119 -2.99 -2.91 24.12
C VAL E 119 -2.06 -1.86 23.54
N TYR E 120 -1.74 -1.99 22.26
CA TYR E 120 -0.82 -1.09 21.58
C TYR E 120 -1.59 -0.22 20.60
N TYR E 121 -1.64 1.07 20.90
CA TYR E 121 -2.31 2.06 20.07
C TYR E 121 -1.28 2.82 19.26
N CYS E 122 -1.50 2.91 17.96
CA CYS E 122 -0.81 3.91 17.17
C CYS E 122 -1.66 5.18 17.09
N ALA E 123 -0.99 6.32 16.96
CA ALA E 123 -1.63 7.60 16.90
C ALA E 123 -0.80 8.51 16.00
N ARG E 124 -1.46 9.56 15.49
CA ARG E 124 -0.86 10.50 14.56
C ARG E 124 -0.85 11.87 15.21
N THR E 125 0.22 12.64 15.00
CA THR E 125 0.20 14.09 15.15
C THR E 125 0.36 14.74 13.79
N LYS E 126 -0.58 15.60 13.42
CA LYS E 126 -0.47 16.29 12.15
C LYS E 126 0.71 17.25 12.17
N TYR E 127 1.36 17.38 11.00
CA TYR E 127 2.41 18.36 10.78
C TYR E 127 1.83 19.71 10.32
N HIS E 128 2.25 20.80 10.93
CA HIS E 128 1.81 22.12 10.50
C HIS E 128 3.04 23.01 10.31
N TYR E 129 3.22 23.48 9.08
CA TYR E 129 4.49 24.12 8.74
C TYR E 129 4.73 25.41 9.51
N LYS E 130 3.76 25.87 10.31
CA LYS E 130 3.95 27.09 11.08
C LYS E 130 4.08 26.84 12.58
N ASN E 131 4.41 25.62 12.99
CA ASN E 131 4.12 25.20 14.37
C ASN E 131 5.35 25.15 15.25
N TYR E 132 6.54 24.97 14.66
CA TYR E 132 7.85 25.02 15.30
C TYR E 132 8.13 23.82 16.22
N TYR E 133 7.12 23.03 16.56
CA TYR E 133 7.35 21.75 17.23
C TYR E 133 6.08 20.90 17.15
N TRP E 134 6.23 19.62 17.43
CA TRP E 134 5.10 18.69 17.44
C TRP E 134 4.20 18.95 18.66
N TRP E 135 2.92 18.60 18.51
CA TRP E 135 1.88 18.77 19.52
C TRP E 135 1.19 17.44 19.84
N ALA E 136 0.00 17.48 20.43
CA ALA E 136 -0.68 16.31 20.95
C ALA E 136 -0.88 15.23 19.87
N LEU E 137 -1.31 14.05 20.31
CA LEU E 137 -1.68 12.96 19.40
C LEU E 137 -3.15 13.09 19.07
N ASP E 138 -3.44 13.40 17.81
CA ASP E 138 -4.75 13.93 17.50
C ASP E 138 -5.62 12.95 16.74
N TYR E 139 -5.06 11.85 16.28
CA TYR E 139 -5.94 10.78 15.89
C TYR E 139 -5.35 9.48 16.41
N TRP E 140 -6.18 8.63 16.97
CA TRP E 140 -5.74 7.34 17.47
C TRP E 140 -6.48 6.23 16.74
N GLY E 141 -5.78 5.10 16.52
CA GLY E 141 -6.41 3.89 16.06
C GLY E 141 -6.86 3.01 17.22
N GLN E 142 -7.73 2.03 16.92
CA GLN E 142 -8.42 1.26 17.97
C GLN E 142 -7.49 0.20 18.70
N GLY E 143 -6.18 0.11 18.54
CA GLY E 143 -5.40 -0.75 19.42
C GLY E 143 -5.41 -2.22 19.06
N THR E 144 -4.27 -2.85 19.10
CA THR E 144 -4.23 -4.31 19.08
C THR E 144 -3.73 -4.80 20.42
N LEU E 145 -4.09 -6.04 20.74
CA LEU E 145 -3.68 -6.64 21.99
C LEU E 145 -2.44 -7.50 21.75
N VAL E 146 -1.51 -7.43 22.69
CA VAL E 146 -0.28 -8.22 22.69
C VAL E 146 -0.20 -8.85 24.06
N THR E 147 -0.12 -10.16 24.13
CA THR E 147 0.03 -10.88 25.39
C THR E 147 1.34 -11.63 25.35
N VAL E 148 2.15 -11.46 26.39
CA VAL E 148 3.42 -12.17 26.51
C VAL E 148 3.29 -13.08 27.72
N SER E 149 2.93 -14.34 27.51
CA SER E 149 2.89 -15.33 28.58
C SER E 149 3.50 -16.63 28.10
N SER E 150 4.03 -17.40 29.04
CA SER E 150 4.48 -18.76 28.78
C SER E 150 3.35 -19.78 28.73
N ALA E 151 2.14 -19.37 29.12
CA ALA E 151 0.98 -20.25 29.13
C ALA E 151 0.68 -20.79 27.73
N SER E 152 0.14 -22.01 27.68
CA SER E 152 -0.19 -22.65 26.41
C SER E 152 -1.69 -22.85 26.33
N THR E 153 -2.26 -22.54 25.16
CA THR E 153 -3.70 -22.47 25.00
C THR E 153 -4.38 -23.75 25.47
N LYS E 154 -5.25 -23.57 26.47
CA LYS E 154 -5.96 -24.63 27.14
C LYS E 154 -7.44 -24.27 27.21
N GLY E 155 -8.27 -25.30 27.21
CA GLY E 155 -9.71 -25.12 27.31
C GLY E 155 -10.21 -25.08 28.74
N PRO E 156 -11.35 -24.42 28.94
CA PRO E 156 -11.84 -24.15 30.29
C PRO E 156 -12.56 -25.34 30.91
N SER E 157 -12.50 -25.40 32.23
CA SER E 157 -13.26 -26.38 33.00
C SER E 157 -14.44 -25.68 33.69
N VAL E 158 -15.63 -26.26 33.55
CA VAL E 158 -16.86 -25.64 34.00
C VAL E 158 -17.35 -26.37 35.22
N PHE E 159 -17.59 -25.62 36.29
CA PHE E 159 -18.22 -26.14 37.48
C PHE E 159 -19.48 -25.35 37.75
N PRO E 160 -20.49 -25.97 38.34
CA PRO E 160 -21.71 -25.24 38.69
C PRO E 160 -21.61 -24.54 40.03
N LEU E 161 -22.29 -23.39 40.10
CA LEU E 161 -22.47 -22.65 41.35
C LEU E 161 -23.94 -22.82 41.74
N ALA E 162 -24.20 -23.75 42.70
CA ALA E 162 -25.52 -24.28 42.97
C ALA E 162 -26.33 -23.31 43.80
N PRO E 163 -27.63 -23.17 43.53
CA PRO E 163 -28.50 -22.44 44.46
C PRO E 163 -28.36 -23.05 45.84
N SER E 164 -28.27 -22.18 46.85
CA SER E 164 -28.09 -22.69 48.21
C SER E 164 -29.24 -23.63 48.56
N SER E 165 -28.92 -24.64 49.37
CA SER E 165 -29.93 -25.57 49.85
C SER E 165 -30.62 -24.96 51.05
N LYS E 166 -30.60 -23.62 51.12
CA LYS E 166 -31.11 -22.85 52.25
C LYS E 166 -31.78 -21.54 51.81
N SER E 167 -32.39 -21.50 50.61
CA SER E 167 -32.94 -20.26 50.10
C SER E 167 -33.99 -19.69 51.06
N THR E 168 -34.17 -18.34 51.03
CA THR E 168 -35.08 -17.71 52.01
C THR E 168 -36.54 -18.04 51.79
N SER E 169 -36.90 -18.94 50.87
CA SER E 169 -38.25 -19.47 50.81
C SER E 169 -39.28 -18.41 50.44
N GLY E 170 -39.22 -17.93 49.19
CA GLY E 170 -40.29 -17.13 48.66
C GLY E 170 -39.82 -15.90 47.91
N GLY E 171 -38.54 -15.88 47.54
CA GLY E 171 -37.97 -14.74 46.86
C GLY E 171 -37.14 -15.08 45.65
N THR E 172 -35.93 -14.50 45.57
CA THR E 172 -34.98 -14.75 44.50
C THR E 172 -33.91 -15.74 44.96
N ALA E 173 -33.36 -16.48 44.00
CA ALA E 173 -32.17 -17.29 44.22
C ALA E 173 -31.04 -16.88 43.28
N ALA E 174 -29.82 -17.26 43.64
CA ALA E 174 -28.68 -17.00 42.78
C ALA E 174 -27.98 -18.32 42.47
N LEU E 175 -27.55 -18.48 41.22
CA LEU E 175 -26.85 -19.67 40.77
C LEU E 175 -25.92 -19.25 39.64
N GLY E 176 -24.97 -20.12 39.30
CA GLY E 176 -24.05 -19.72 38.25
C GLY E 176 -23.14 -20.82 37.78
N CYS E 177 -22.26 -20.43 36.85
CA CYS E 177 -21.21 -21.28 36.32
C CYS E 177 -19.87 -20.66 36.67
N LEU E 178 -18.95 -21.49 37.14
CA LEU E 178 -17.56 -21.10 37.35
C LEU E 178 -16.75 -21.64 36.19
N VAL E 179 -15.97 -20.77 35.54
CA VAL E 179 -15.25 -21.12 34.33
C VAL E 179 -13.77 -20.95 34.64
N LYS E 180 -13.09 -22.07 34.92
CA LYS E 180 -11.74 -21.99 35.47
C LYS E 180 -10.68 -22.55 34.52
N ASP E 181 -9.48 -21.97 34.59
CA ASP E 181 -8.26 -22.52 34.00
C ASP E 181 -8.33 -22.64 32.47
N TYR E 182 -8.37 -21.49 31.82
CA TYR E 182 -8.41 -21.41 30.37
C TYR E 182 -7.46 -20.34 29.87
N PHE E 183 -7.03 -20.49 28.61
CA PHE E 183 -6.06 -19.56 28.05
C PHE E 183 -6.07 -19.69 26.54
N PRO E 184 -6.06 -18.59 25.81
CA PRO E 184 -6.15 -17.25 26.41
C PRO E 184 -7.58 -16.75 26.43
N GLU E 185 -7.75 -15.47 26.70
CA GLU E 185 -9.05 -14.87 26.54
C GLU E 185 -9.39 -14.73 25.06
N PRO E 186 -10.68 -14.58 24.71
CA PRO E 186 -11.82 -14.59 25.62
C PRO E 186 -12.65 -15.86 25.56
N VAL E 187 -13.36 -16.10 26.65
CA VAL E 187 -14.45 -17.06 26.69
C VAL E 187 -15.75 -16.29 26.53
N THR E 188 -16.83 -16.98 26.16
CA THR E 188 -18.14 -16.35 26.11
C THR E 188 -19.20 -17.25 26.74
N VAL E 189 -19.99 -16.68 27.65
CA VAL E 189 -21.02 -17.42 28.37
C VAL E 189 -22.39 -16.98 27.90
N SER E 190 -23.33 -17.92 27.93
CA SER E 190 -24.73 -17.67 27.71
C SER E 190 -25.48 -18.61 28.62
N TRP E 191 -26.74 -18.29 28.88
CA TRP E 191 -27.57 -19.08 29.77
C TRP E 191 -28.74 -19.65 29.00
N ASN E 192 -29.01 -20.94 29.23
CA ASN E 192 -30.03 -21.70 28.54
C ASN E 192 -30.00 -21.42 27.04
N SER E 193 -28.79 -21.34 26.49
CA SER E 193 -28.56 -21.10 25.06
C SER E 193 -29.22 -19.79 24.63
N GLY E 194 -28.99 -18.74 25.43
CA GLY E 194 -29.48 -17.41 25.11
C GLY E 194 -30.89 -17.11 25.58
N ALA E 195 -31.64 -18.13 26.02
CA ALA E 195 -33.03 -17.97 26.42
C ALA E 195 -33.18 -17.29 27.77
N LEU E 196 -32.07 -16.84 28.38
CA LEU E 196 -32.11 -16.23 29.69
C LEU E 196 -31.05 -15.14 29.73
N THR E 197 -31.48 -13.86 29.70
CA THR E 197 -30.58 -12.72 29.79
C THR E 197 -30.83 -11.84 30.99
N SER E 198 -32.08 -11.72 31.43
CA SER E 198 -32.41 -10.92 32.60
C SER E 198 -31.70 -11.44 33.83
N GLY E 199 -30.93 -10.57 34.47
CA GLY E 199 -30.29 -10.89 35.73
C GLY E 199 -28.94 -11.54 35.59
N VAL E 200 -28.43 -11.65 34.37
CA VAL E 200 -27.17 -12.31 34.10
C VAL E 200 -26.03 -11.34 34.29
N HIS E 201 -25.06 -11.72 35.10
CA HIS E 201 -23.82 -10.97 35.22
C HIS E 201 -22.67 -11.92 34.97
N THR E 202 -21.83 -11.57 33.99
CA THR E 202 -20.62 -12.31 33.69
C THR E 202 -19.45 -11.41 34.09
N PHE E 203 -18.73 -11.80 35.13
CA PHE E 203 -17.66 -10.99 35.68
C PHE E 203 -16.44 -10.98 34.76
N PRO E 204 -15.72 -9.88 34.72
CA PRO E 204 -14.47 -9.84 33.94
C PRO E 204 -13.52 -10.94 34.38
N ALA E 205 -12.77 -11.46 33.42
CA ALA E 205 -11.90 -12.58 33.67
C ALA E 205 -10.71 -12.16 34.53
N VAL E 206 -10.16 -13.13 35.25
CA VAL E 206 -9.08 -12.89 36.20
C VAL E 206 -7.91 -13.83 35.89
N LEU E 207 -6.71 -13.25 35.77
CA LEU E 207 -5.51 -14.06 35.54
C LEU E 207 -5.03 -14.55 36.90
N GLN E 208 -5.12 -15.86 37.14
CA GLN E 208 -4.73 -16.41 38.42
C GLN E 208 -3.20 -16.46 38.52
N SER E 209 -2.71 -16.99 39.63
CA SER E 209 -1.29 -17.09 39.88
C SER E 209 -0.58 -18.20 39.04
N SER E 210 -1.30 -18.80 38.09
CA SER E 210 -0.79 -19.91 37.29
C SER E 210 -0.80 -19.59 35.80
N GLY E 211 -0.98 -18.33 35.43
CA GLY E 211 -0.97 -17.90 34.05
C GLY E 211 -2.23 -18.18 33.26
N LEU E 212 -3.21 -18.83 33.86
CA LEU E 212 -4.49 -19.12 33.23
C LEU E 212 -5.58 -18.21 33.79
N TYR E 213 -6.60 -17.99 32.97
CA TYR E 213 -7.73 -17.14 33.31
C TYR E 213 -8.83 -17.91 34.03
N SER E 214 -9.60 -17.17 34.84
CA SER E 214 -10.76 -17.70 35.54
C SER E 214 -11.87 -16.65 35.57
N LEU E 215 -13.11 -17.11 35.59
CA LEU E 215 -14.23 -16.21 35.32
C LEU E 215 -15.52 -16.85 35.82
N SER E 216 -16.46 -16.01 36.24
CA SER E 216 -17.74 -16.47 36.74
C SER E 216 -18.89 -15.77 36.04
N SER E 217 -19.99 -16.49 35.93
CA SER E 217 -21.19 -15.92 35.33
C SER E 217 -22.34 -16.39 36.20
N VAL E 218 -23.24 -15.46 36.57
CA VAL E 218 -24.26 -15.71 37.58
C VAL E 218 -25.60 -15.13 37.12
N VAL E 219 -26.68 -15.73 37.61
CA VAL E 219 -28.01 -15.21 37.33
C VAL E 219 -28.85 -15.25 38.61
N THR E 220 -29.75 -14.30 38.76
CA THR E 220 -30.82 -14.37 39.74
C THR E 220 -32.12 -14.81 39.07
N VAL E 221 -32.76 -15.82 39.66
CA VAL E 221 -34.01 -16.39 39.18
C VAL E 221 -34.90 -16.59 40.39
N PRO E 222 -36.20 -16.64 40.19
CA PRO E 222 -37.09 -16.85 41.35
C PRO E 222 -36.90 -18.24 41.93
N SER E 223 -36.83 -18.32 43.27
CA SER E 223 -36.60 -19.60 43.92
C SER E 223 -37.66 -20.61 43.52
N SER E 224 -38.88 -20.14 43.23
CA SER E 224 -39.94 -21.02 42.77
C SER E 224 -39.51 -21.83 41.56
N SER E 225 -38.86 -21.18 40.59
CA SER E 225 -38.51 -21.84 39.35
C SER E 225 -37.39 -22.86 39.50
N LEU E 226 -36.79 -22.98 40.69
CA LEU E 226 -35.65 -23.89 40.87
C LEU E 226 -36.06 -25.33 40.59
N GLY E 227 -37.26 -25.71 41.03
CA GLY E 227 -37.67 -27.10 40.84
C GLY E 227 -38.01 -27.44 39.41
N THR E 228 -38.72 -26.56 38.72
CA THR E 228 -39.34 -26.90 37.44
C THR E 228 -38.82 -26.02 36.31
N GLN E 229 -37.60 -25.53 36.44
CA GLN E 229 -36.92 -24.89 35.33
C GLN E 229 -35.46 -25.28 35.41
N THR E 230 -34.93 -25.80 34.32
CA THR E 230 -33.58 -26.32 34.31
C THR E 230 -32.66 -25.23 33.76
N TYR E 231 -31.59 -24.96 34.48
CA TYR E 231 -30.67 -23.89 34.13
C TYR E 231 -29.37 -24.50 33.65
N ILE E 232 -29.01 -24.17 32.41
CA ILE E 232 -27.85 -24.71 31.74
C ILE E 232 -27.09 -23.54 31.12
N CYS E 233 -25.84 -23.38 31.50
CA CYS E 233 -25.01 -22.36 30.90
C CYS E 233 -24.13 -22.99 29.81
N ASN E 234 -23.75 -22.17 28.84
CA ASN E 234 -23.03 -22.62 27.65
C ASN E 234 -21.72 -21.83 27.55
N VAL E 235 -20.61 -22.50 27.86
CA VAL E 235 -19.29 -21.90 27.76
C VAL E 235 -18.70 -22.23 26.40
N ASN E 236 -18.11 -21.22 25.77
CA ASN E 236 -17.45 -21.40 24.48
C ASN E 236 -16.13 -20.65 24.51
N HIS E 237 -15.03 -21.39 24.35
CA HIS E 237 -13.68 -20.83 24.25
C HIS E 237 -13.19 -21.07 22.83
N LYS E 238 -13.03 -19.99 22.05
CA LYS E 238 -12.63 -20.13 20.65
C LYS E 238 -11.17 -20.54 20.52
N PRO E 239 -10.18 -19.77 21.06
CA PRO E 239 -8.77 -20.06 20.75
C PRO E 239 -8.33 -21.47 21.09
N SER E 240 -9.21 -22.28 21.70
CA SER E 240 -8.97 -23.72 21.82
C SER E 240 -10.12 -24.56 21.31
N ASN E 241 -11.11 -23.97 20.64
CA ASN E 241 -12.29 -24.69 20.14
C ASN E 241 -12.88 -25.63 21.19
N THR E 242 -13.28 -25.04 22.31
CA THR E 242 -13.94 -25.77 23.40
C THR E 242 -15.40 -25.34 23.48
N LYS E 243 -16.25 -26.25 23.98
CA LYS E 243 -17.68 -25.99 24.07
C LYS E 243 -18.28 -26.87 25.14
N VAL E 244 -18.66 -26.28 26.28
CA VAL E 244 -19.20 -27.02 27.41
C VAL E 244 -20.67 -26.65 27.62
N ASP E 245 -21.36 -27.45 28.44
CA ASP E 245 -22.77 -27.22 28.79
C ASP E 245 -23.01 -27.80 30.17
N LYS E 246 -23.18 -26.95 31.19
CA LYS E 246 -23.28 -27.43 32.56
C LYS E 246 -24.66 -27.15 33.12
N LYS E 247 -25.31 -28.21 33.62
CA LYS E 247 -26.54 -28.07 34.38
C LYS E 247 -26.23 -27.61 35.79
N VAL E 248 -27.06 -26.69 36.29
CA VAL E 248 -26.96 -26.19 37.66
C VAL E 248 -28.23 -26.59 38.39
N GLU E 249 -28.09 -27.19 39.57
CA GLU E 249 -29.17 -27.87 40.28
C GLU E 249 -28.81 -27.94 41.76
N PRO E 250 -29.80 -27.94 42.67
CA PRO E 250 -29.52 -28.18 44.10
C PRO E 250 -28.65 -29.42 44.37
N SER F 24 15.16 13.95 33.91
CA SER F 24 14.04 13.45 34.71
C SER F 24 12.77 13.51 33.90
N ASP F 25 11.98 12.42 33.94
CA ASP F 25 10.65 12.46 33.34
C ASP F 25 9.76 13.39 34.14
N ILE F 26 9.10 14.30 33.44
CA ILE F 26 8.03 15.07 34.07
C ILE F 26 6.83 14.15 34.24
N GLN F 27 6.37 14.00 35.47
CA GLN F 27 5.24 13.13 35.79
C GLN F 27 3.96 13.93 35.85
N MET F 28 2.86 13.28 35.45
CA MET F 28 1.50 13.84 35.47
C MET F 28 0.67 13.12 36.52
N THR F 29 0.19 13.84 37.52
CA THR F 29 -0.57 13.23 38.61
C THR F 29 -2.01 13.74 38.59
N GLN F 30 -2.96 12.82 38.45
CA GLN F 30 -4.36 13.09 38.15
C GLN F 30 -5.23 12.76 39.33
N SER F 31 -6.09 13.69 39.73
CA SER F 31 -7.05 13.47 40.80
C SER F 31 -8.40 14.08 40.45
N PRO F 32 -9.49 13.44 40.88
CA PRO F 32 -9.46 12.17 41.61
C PRO F 32 -9.29 10.95 40.69
N SER F 33 -9.05 9.74 41.22
CA SER F 33 -8.98 8.57 40.34
C SER F 33 -10.32 8.31 39.69
N SER F 34 -11.41 8.54 40.42
CA SER F 34 -12.73 8.48 39.82
C SER F 34 -13.63 9.50 40.50
N LEU F 35 -14.80 9.73 39.92
CA LEU F 35 -15.83 10.53 40.57
C LEU F 35 -17.18 10.20 39.95
N SER F 36 -18.24 10.47 40.71
CA SER F 36 -19.60 10.25 40.25
C SER F 36 -20.31 11.59 40.07
N ALA F 37 -21.00 11.72 38.94
CA ALA F 37 -21.79 12.90 38.66
C ALA F 37 -23.04 12.48 37.92
N SER F 38 -23.90 13.46 37.62
CA SER F 38 -25.16 13.22 36.95
C SER F 38 -25.25 14.13 35.74
N VAL F 39 -25.99 13.67 34.73
CA VAL F 39 -26.35 14.53 33.59
C VAL F 39 -26.83 15.88 34.09
N GLY F 40 -26.24 16.95 33.55
CA GLY F 40 -26.50 18.30 34.00
C GLY F 40 -25.41 18.91 34.87
N ASP F 41 -24.56 18.09 35.50
CA ASP F 41 -23.54 18.56 36.44
C ASP F 41 -22.41 19.32 35.76
N ARG F 42 -21.78 20.22 36.51
CA ARG F 42 -20.49 20.77 36.14
C ARG F 42 -19.40 19.86 36.73
N VAL F 43 -18.45 19.43 35.89
CA VAL F 43 -17.43 18.48 36.30
C VAL F 43 -16.05 19.06 36.03
N THR F 44 -15.15 18.94 37.02
CA THR F 44 -13.75 19.35 36.88
C THR F 44 -12.83 18.22 37.31
N ILE F 45 -11.81 17.97 36.49
CA ILE F 45 -10.70 17.06 36.75
C ILE F 45 -9.39 17.83 36.73
N THR F 46 -8.49 17.52 37.66
CA THR F 46 -7.19 18.18 37.74
C THR F 46 -6.01 17.23 37.55
N CYS F 47 -4.87 17.85 37.26
CA CYS F 47 -3.67 17.12 36.89
C CYS F 47 -2.51 18.05 37.22
N ARG F 48 -1.66 17.66 38.16
CA ARG F 48 -0.49 18.44 38.52
C ARG F 48 0.75 17.86 37.84
N ALA F 49 1.59 18.76 37.34
CA ALA F 49 2.85 18.37 36.71
C ALA F 49 3.97 18.45 37.73
N SER F 50 4.85 17.46 37.69
CA SER F 50 6.03 17.44 38.55
C SER F 50 6.77 18.77 38.54
N GLN F 51 6.73 19.49 37.42
CA GLN F 51 7.38 20.77 37.25
C GLN F 51 6.71 21.47 36.07
N SER F 52 7.04 22.73 35.88
CA SER F 52 6.36 23.53 34.88
C SER F 52 6.41 22.86 33.50
N VAL F 53 5.34 22.87 32.79
CA VAL F 53 5.30 22.47 31.39
C VAL F 53 4.78 23.58 30.51
N TYR F 54 4.56 24.73 31.10
CA TYR F 54 4.15 26.02 30.58
C TYR F 54 2.74 26.12 30.02
N TYR F 55 2.40 25.33 29.01
CA TYR F 55 1.02 25.23 28.52
C TYR F 55 0.90 23.96 27.70
N SER F 56 1.94 23.14 27.71
CA SER F 56 2.04 22.04 26.78
C SER F 56 1.39 20.79 27.38
N VAL F 57 0.07 20.92 27.61
CA VAL F 57 -0.77 19.89 28.19
C VAL F 57 -1.91 19.61 27.24
N ALA F 58 -2.22 18.34 27.04
CA ALA F 58 -3.40 17.96 26.28
C ALA F 58 -4.28 17.04 27.10
N TRP F 59 -5.58 17.03 26.75
CA TRP F 59 -6.54 16.21 27.44
C TRP F 59 -7.24 15.27 26.47
N TYR F 60 -7.37 14.01 26.88
CA TYR F 60 -7.93 12.96 26.05
C TYR F 60 -9.09 12.29 26.77
N GLN F 61 -10.01 11.78 25.96
CA GLN F 61 -11.19 11.10 26.41
C GLN F 61 -11.10 9.67 25.91
N GLN F 62 -11.40 8.70 26.77
CA GLN F 62 -11.43 7.32 26.29
C GLN F 62 -12.57 6.53 26.94
N LYS F 63 -13.37 5.91 26.12
CA LYS F 63 -14.45 5.01 26.49
C LYS F 63 -13.97 3.56 26.44
N PRO F 64 -14.52 2.68 27.27
CA PRO F 64 -13.90 1.37 27.50
C PRO F 64 -13.66 0.61 26.21
N GLY F 65 -12.44 0.06 26.10
CA GLY F 65 -12.06 -0.72 24.93
C GLY F 65 -12.19 0.04 23.63
N LYS F 66 -11.92 1.34 23.66
CA LYS F 66 -12.01 2.13 22.44
C LYS F 66 -10.90 3.17 22.43
N ALA F 67 -10.68 3.76 21.26
CA ALA F 67 -9.53 4.66 21.09
C ALA F 67 -9.70 5.95 21.87
N PRO F 68 -8.63 6.45 22.47
CA PRO F 68 -8.58 7.85 22.90
C PRO F 68 -8.93 8.82 21.77
N LYS F 69 -9.57 9.93 22.16
CA LYS F 69 -9.88 11.06 21.30
C LYS F 69 -9.31 12.30 21.97
N LEU F 70 -8.78 13.21 21.16
CA LEU F 70 -8.22 14.44 21.72
C LEU F 70 -9.31 15.48 21.91
N LEU F 71 -9.35 16.11 23.09
CA LEU F 71 -10.32 17.15 23.46
C LEU F 71 -9.69 18.55 23.45
N ILE F 72 -8.63 18.73 24.23
CA ILE F 72 -7.96 20.00 24.46
C ILE F 72 -6.46 19.82 24.18
N TYR F 73 -5.84 20.83 23.57
CA TYR F 73 -4.39 21.00 23.52
C TYR F 73 -4.02 22.41 23.97
N SER F 74 -2.73 22.64 24.22
CA SER F 74 -2.22 23.91 24.75
C SER F 74 -3.00 24.32 25.98
N ALA F 75 -3.38 23.33 26.76
CA ALA F 75 -4.00 23.49 28.08
C ALA F 75 -5.42 24.04 28.05
N SER F 76 -5.81 24.73 26.97
CA SER F 76 -7.15 25.28 26.90
C SER F 76 -7.74 25.35 25.51
N TYR F 77 -7.04 24.93 24.46
CA TYR F 77 -7.60 25.03 23.12
C TYR F 77 -8.47 23.82 22.84
N LEU F 78 -9.63 24.10 22.29
CA LEU F 78 -10.62 23.09 21.94
C LEU F 78 -10.28 22.56 20.56
N TYR F 79 -9.86 21.28 20.50
CA TYR F 79 -9.62 20.60 19.22
C TYR F 79 -10.93 20.48 18.46
N SER F 80 -10.85 20.64 17.13
CA SER F 80 -12.04 20.77 16.30
C SER F 80 -12.93 19.55 16.43
N GLY F 81 -14.24 19.81 16.54
CA GLY F 81 -15.26 18.80 16.73
C GLY F 81 -15.55 18.49 18.17
N VAL F 82 -14.79 19.06 19.11
CA VAL F 82 -14.98 18.80 20.53
C VAL F 82 -16.04 19.77 21.04
N PRO F 83 -17.20 19.28 21.45
CA PRO F 83 -18.28 20.17 21.88
C PRO F 83 -17.81 21.20 22.91
N SER F 84 -18.30 22.43 22.73
CA SER F 84 -17.81 23.59 23.46
C SER F 84 -17.99 23.47 24.96
N ARG F 85 -18.69 22.44 25.42
CA ARG F 85 -18.89 22.23 26.85
C ARG F 85 -17.56 21.92 27.53
N PHE F 86 -16.59 21.49 26.74
CA PHE F 86 -15.26 21.16 27.25
C PHE F 86 -14.38 22.39 27.30
N SER F 87 -13.78 22.61 28.46
CA SER F 87 -12.81 23.67 28.64
C SER F 87 -11.67 23.15 29.51
N GLY F 88 -10.50 23.75 29.32
CA GLY F 88 -9.38 23.54 30.21
C GLY F 88 -8.74 24.85 30.60
N SER F 89 -8.08 24.86 31.76
CA SER F 89 -7.38 26.06 32.22
C SER F 89 -6.08 25.66 32.90
N ARG F 90 -5.27 26.65 33.25
CA ARG F 90 -4.00 26.43 33.95
C ARG F 90 -3.93 27.27 35.20
N SER F 91 -3.29 26.71 36.23
CA SER F 91 -2.93 27.44 37.44
C SER F 91 -1.55 26.95 37.86
N GLY F 92 -0.52 27.67 37.44
CA GLY F 92 0.83 27.24 37.71
C GLY F 92 1.13 25.93 37.02
N THR F 93 1.42 24.89 37.81
CA THR F 93 1.64 23.55 37.30
C THR F 93 0.40 22.67 37.46
N ASP F 94 -0.74 23.29 37.76
CA ASP F 94 -2.03 22.63 37.93
C ASP F 94 -2.89 22.84 36.68
N PHE F 95 -3.45 21.75 36.14
CA PHE F 95 -4.18 21.80 34.90
C PHE F 95 -5.58 21.22 35.12
N THR F 96 -6.61 21.90 34.62
CA THR F 96 -7.99 21.55 34.95
C THR F 96 -8.79 21.32 33.69
N LEU F 97 -9.55 20.25 33.68
CA LEU F 97 -10.48 19.95 32.60
C LEU F 97 -11.88 20.05 33.17
N THR F 98 -12.74 20.82 32.49
CA THR F 98 -14.06 21.16 32.98
C THR F 98 -15.09 20.86 31.90
N ILE F 99 -16.10 20.09 32.29
CA ILE F 99 -17.31 19.86 31.50
C ILE F 99 -18.40 20.74 32.11
N SER F 100 -18.80 21.78 31.38
CA SER F 100 -19.73 22.77 31.94
C SER F 100 -21.03 22.10 32.36
N SER F 101 -21.70 21.42 31.42
CA SER F 101 -22.92 20.66 31.69
C SER F 101 -22.80 19.27 31.06
N LEU F 102 -22.85 18.25 31.91
CA LEU F 102 -22.46 16.89 31.57
C LEU F 102 -23.50 16.15 30.72
N GLN F 103 -23.08 15.63 29.58
CA GLN F 103 -23.97 14.88 28.71
C GLN F 103 -23.81 13.38 28.96
N PRO F 104 -24.80 12.57 28.55
CA PRO F 104 -24.64 11.10 28.66
C PRO F 104 -23.39 10.53 27.99
N GLU F 105 -22.97 11.11 26.86
CA GLU F 105 -21.81 10.63 26.10
C GLU F 105 -20.50 10.82 26.85
N ASP F 106 -20.48 11.60 27.92
CA ASP F 106 -19.21 12.06 28.49
C ASP F 106 -18.68 11.22 29.67
N PHE F 107 -19.45 10.25 30.18
CA PHE F 107 -18.93 9.32 31.17
C PHE F 107 -17.90 8.41 30.49
N ALA F 108 -16.64 8.56 30.85
CA ALA F 108 -15.52 7.85 30.23
C ALA F 108 -14.30 8.15 31.08
N THR F 109 -13.14 7.70 30.63
CA THR F 109 -11.90 8.04 31.33
C THR F 109 -11.18 9.18 30.62
N TYR F 110 -10.63 10.08 31.40
CA TYR F 110 -9.99 11.29 30.91
C TYR F 110 -8.55 11.23 31.32
N TYR F 111 -7.65 11.54 30.40
CA TYR F 111 -6.20 11.51 30.64
C TYR F 111 -5.60 12.86 30.31
N CYS F 112 -4.65 13.32 31.12
CA CYS F 112 -3.81 14.43 30.72
C CYS F 112 -2.49 13.93 30.17
N GLN F 113 -1.85 14.78 29.39
CA GLN F 113 -0.55 14.48 28.81
C GLN F 113 0.31 15.71 28.71
N GLN F 114 1.55 15.66 29.20
CA GLN F 114 2.47 16.80 29.11
C GLN F 114 3.56 16.57 28.06
N TYR F 115 3.64 17.46 27.07
CA TYR F 115 4.64 17.36 26.03
C TYR F 115 5.56 18.56 26.00
N ARG F 116 5.86 19.16 27.15
CA ARG F 116 6.88 20.20 27.11
C ARG F 116 8.27 19.60 26.87
N ARG F 117 8.56 18.45 27.47
CA ARG F 117 9.85 17.76 27.30
C ARG F 117 9.60 16.31 26.92
N ARG F 118 10.32 15.84 25.90
CA ARG F 118 10.38 14.42 25.60
C ARG F 118 11.07 13.68 26.75
N PRO F 119 10.62 12.46 27.09
CA PRO F 119 9.47 11.78 26.49
C PRO F 119 8.14 12.33 26.95
N ILE F 120 7.14 12.18 26.11
CA ILE F 120 5.83 12.53 26.56
C ILE F 120 5.40 11.57 27.68
N THR F 121 4.45 12.03 28.50
CA THR F 121 4.03 11.29 29.69
C THR F 121 2.57 11.57 29.97
N PHE F 122 1.88 10.57 30.53
CA PHE F 122 0.46 10.62 30.83
C PHE F 122 0.19 10.46 32.32
N GLY F 123 -0.95 11.08 32.78
CA GLY F 123 -1.46 10.75 34.09
C GLY F 123 -2.23 9.44 34.05
N GLN F 124 -2.57 8.92 35.24
CA GLN F 124 -3.28 7.65 35.32
C GLN F 124 -4.73 7.75 34.84
N GLY F 125 -5.32 8.91 34.88
CA GLY F 125 -6.70 8.94 34.40
C GLY F 125 -7.72 9.20 35.51
N THR F 126 -8.79 9.91 35.14
CA THR F 126 -9.97 10.10 35.98
C THR F 126 -11.12 9.38 35.31
N LYS F 127 -11.76 8.45 36.02
CA LYS F 127 -12.92 7.75 35.48
C LYS F 127 -14.20 8.45 35.98
N VAL F 128 -15.06 8.85 35.04
CA VAL F 128 -16.24 9.64 35.36
C VAL F 128 -17.46 8.73 35.30
N GLU F 129 -17.98 8.37 36.48
CA GLU F 129 -19.04 7.39 36.69
C GLU F 129 -20.39 8.06 36.95
N ILE F 130 -21.46 7.29 36.79
CA ILE F 130 -22.83 7.80 36.93
C ILE F 130 -23.21 7.82 38.41
N LYS F 131 -23.76 8.96 38.88
CA LYS F 131 -24.28 9.04 40.24
C LYS F 131 -25.65 8.39 40.35
N ARG F 132 -25.86 7.69 41.44
CA ARG F 132 -27.17 7.15 41.73
C ARG F 132 -27.24 6.93 43.24
N THR F 133 -28.38 6.42 43.70
CA THR F 133 -28.52 6.32 45.14
C THR F 133 -27.84 5.05 45.65
N VAL F 134 -27.60 5.02 46.96
CA VAL F 134 -26.95 3.88 47.57
C VAL F 134 -27.82 2.64 47.42
N ALA F 135 -27.19 1.51 47.15
CA ALA F 135 -27.91 0.25 47.14
C ALA F 135 -27.00 -0.78 47.77
N ALA F 136 -27.54 -1.49 48.68
CA ALA F 136 -26.86 -2.51 49.43
C ALA F 136 -26.71 -3.76 48.56
N PRO F 137 -25.63 -4.50 48.75
CA PRO F 137 -25.43 -5.72 47.96
C PRO F 137 -26.24 -6.88 48.52
N SER F 138 -26.90 -7.60 47.65
CA SER F 138 -27.38 -8.92 48.01
C SER F 138 -26.20 -9.89 47.92
N VAL F 139 -25.92 -10.59 49.01
CA VAL F 139 -24.75 -11.44 49.16
C VAL F 139 -25.20 -12.89 49.02
N PHE F 140 -24.45 -13.66 48.23
CA PHE F 140 -24.68 -15.09 48.00
C PHE F 140 -23.34 -15.83 48.07
N ILE F 141 -23.36 -17.01 48.69
CA ILE F 141 -22.13 -17.78 48.89
C ILE F 141 -22.31 -19.15 48.26
N PHE F 142 -21.25 -19.65 47.62
CA PHE F 142 -21.32 -20.92 46.88
C PHE F 142 -20.16 -21.81 47.30
N PRO F 143 -20.41 -22.99 47.83
CA PRO F 143 -19.32 -23.94 48.10
C PRO F 143 -18.80 -24.52 46.80
N PRO F 144 -17.59 -25.05 46.81
CA PRO F 144 -17.06 -25.67 45.59
C PRO F 144 -17.88 -26.86 45.16
N SER F 145 -17.85 -27.12 43.86
CA SER F 145 -18.57 -28.26 43.32
C SER F 145 -17.82 -29.55 43.59
N ASP F 146 -18.57 -30.64 43.70
CA ASP F 146 -17.93 -31.95 43.83
C ASP F 146 -17.04 -32.26 42.64
N GLU F 147 -17.37 -31.75 41.44
CA GLU F 147 -16.51 -31.94 40.28
C GLU F 147 -15.11 -31.39 40.54
N GLN F 148 -15.04 -30.12 40.94
CA GLN F 148 -13.77 -29.48 41.22
C GLN F 148 -13.04 -30.17 42.36
N LEU F 149 -13.77 -30.53 43.41
CA LEU F 149 -13.15 -31.20 44.56
C LEU F 149 -12.41 -32.47 44.17
N LYS F 150 -12.82 -33.11 43.07
CA LYS F 150 -12.07 -34.29 42.61
C LYS F 150 -10.77 -33.88 41.92
N SER F 151 -10.76 -32.76 41.21
CA SER F 151 -9.55 -32.31 40.54
C SER F 151 -8.46 -31.87 41.52
N GLY F 152 -8.76 -31.80 42.81
CA GLY F 152 -7.79 -31.43 43.81
C GLY F 152 -7.79 -30.00 44.29
N THR F 153 -8.68 -29.14 43.77
CA THR F 153 -8.77 -27.77 44.24
C THR F 153 -10.19 -27.44 44.67
N ALA F 154 -10.33 -26.37 45.46
CA ALA F 154 -11.62 -25.92 45.96
C ALA F 154 -11.74 -24.42 45.74
N SER F 155 -12.72 -24.02 44.95
CA SER F 155 -13.05 -22.61 44.76
C SER F 155 -14.32 -22.35 45.54
N VAL F 156 -14.27 -21.36 46.43
CA VAL F 156 -15.44 -20.86 47.14
C VAL F 156 -15.76 -19.50 46.56
N VAL F 157 -16.97 -19.35 46.01
CA VAL F 157 -17.35 -18.10 45.36
C VAL F 157 -18.33 -17.34 46.25
N CYS F 158 -18.14 -16.03 46.30
CA CYS F 158 -19.00 -15.16 47.08
C CYS F 158 -19.39 -13.99 46.20
N LEU F 159 -20.70 -13.81 46.01
CA LEU F 159 -21.27 -12.88 45.05
C LEU F 159 -21.96 -11.71 45.78
N LEU F 160 -21.71 -10.50 45.30
CA LEU F 160 -22.34 -9.26 45.79
C LEU F 160 -23.07 -8.62 44.62
N ASN F 161 -24.40 -8.68 44.65
CA ASN F 161 -25.22 -8.33 43.49
C ASN F 161 -25.75 -6.91 43.64
N ASN F 162 -25.57 -6.09 42.59
CA ASN F 162 -26.31 -4.86 42.33
C ASN F 162 -26.25 -3.88 43.51
N PHE F 163 -25.04 -3.38 43.75
CA PHE F 163 -24.82 -2.44 44.83
C PHE F 163 -24.19 -1.18 44.27
N TYR F 164 -24.12 -0.16 45.12
CA TYR F 164 -23.55 1.12 44.74
C TYR F 164 -23.36 1.89 46.04
N PRO F 165 -22.25 2.62 46.22
CA PRO F 165 -21.13 2.85 45.29
C PRO F 165 -20.18 1.66 45.23
N ARG F 166 -19.08 1.74 44.44
CA ARG F 166 -18.30 0.53 44.17
C ARG F 166 -17.61 -0.01 45.39
N GLU F 167 -17.28 0.85 46.35
CA GLU F 167 -16.39 0.50 47.44
C GLU F 167 -17.09 -0.47 48.41
N ALA F 168 -16.81 -1.76 48.24
CA ALA F 168 -17.23 -2.80 49.16
C ALA F 168 -15.99 -3.53 49.71
N LYS F 169 -16.16 -4.25 50.81
CA LYS F 169 -15.09 -5.06 51.39
C LYS F 169 -15.66 -6.44 51.65
N VAL F 170 -14.99 -7.46 51.13
CA VAL F 170 -15.35 -8.84 51.35
C VAL F 170 -14.21 -9.47 52.11
N GLN F 171 -14.43 -9.78 53.39
CA GLN F 171 -13.44 -10.44 54.22
C GLN F 171 -13.81 -11.90 54.38
N TRP F 172 -12.85 -12.80 54.13
CA TRP F 172 -13.06 -14.25 54.22
C TRP F 172 -12.66 -14.77 55.59
N LYS F 173 -13.54 -15.57 56.20
CA LYS F 173 -13.26 -16.16 57.51
C LYS F 173 -13.42 -17.66 57.44
N VAL F 174 -12.33 -18.39 57.67
CA VAL F 174 -12.32 -19.84 57.69
C VAL F 174 -12.17 -20.28 59.15
N ASP F 175 -13.23 -20.86 59.70
CA ASP F 175 -13.26 -21.20 61.12
C ASP F 175 -12.92 -19.97 61.96
N ASN F 176 -13.56 -18.85 61.62
CA ASN F 176 -13.42 -17.57 62.29
C ASN F 176 -12.03 -16.97 62.09
N ALA F 177 -11.13 -17.73 61.46
CA ALA F 177 -9.81 -17.24 61.09
C ALA F 177 -9.90 -16.39 59.83
N LEU F 178 -9.24 -15.24 59.83
CA LEU F 178 -9.27 -14.35 58.67
C LEU F 178 -8.19 -14.74 57.67
N GLN F 179 -8.52 -14.62 56.39
CA GLN F 179 -7.70 -15.10 55.28
C GLN F 179 -7.04 -13.94 54.55
N SER F 180 -5.86 -14.18 54.00
CA SER F 180 -5.25 -13.23 53.09
C SER F 180 -4.44 -13.94 52.02
N GLY F 181 -4.37 -13.30 50.85
CA GLY F 181 -3.60 -13.77 49.71
C GLY F 181 -4.24 -14.86 48.87
N ASN F 182 -5.26 -15.55 49.38
CA ASN F 182 -5.84 -16.69 48.69
C ASN F 182 -7.21 -16.38 48.05
N SER F 183 -7.51 -15.11 47.78
CA SER F 183 -8.74 -14.79 47.07
C SER F 183 -8.48 -13.71 46.01
N GLN F 184 -9.41 -13.62 45.07
CA GLN F 184 -9.40 -12.56 44.07
C GLN F 184 -10.82 -12.07 43.76
N GLU F 185 -10.91 -10.78 43.46
CA GLU F 185 -12.17 -10.13 43.12
C GLU F 185 -12.17 -9.70 41.68
N SER F 186 -13.37 -9.66 41.11
CA SER F 186 -13.64 -9.04 39.83
C SER F 186 -14.95 -8.29 39.96
N VAL F 187 -15.08 -7.18 39.24
CA VAL F 187 -16.24 -6.34 39.39
C VAL F 187 -16.73 -5.95 38.01
N THR F 188 -18.04 -6.04 37.80
CA THR F 188 -18.60 -5.59 36.54
C THR F 188 -18.42 -4.08 36.39
N GLU F 189 -18.62 -3.60 35.18
CA GLU F 189 -18.79 -2.18 35.01
C GLU F 189 -20.21 -1.79 35.43
N GLN F 190 -20.47 -0.49 35.54
CA GLN F 190 -21.78 -0.03 35.97
C GLN F 190 -22.87 -0.59 35.07
N ASP F 191 -23.89 -1.17 35.67
CA ASP F 191 -24.93 -1.80 34.87
C ASP F 191 -25.53 -0.82 33.85
N SER F 192 -25.87 -1.34 32.68
CA SER F 192 -26.38 -0.49 31.60
C SER F 192 -27.71 0.16 31.93
N LYS F 193 -28.48 -0.39 32.86
CA LYS F 193 -29.80 0.15 33.13
C LYS F 193 -29.94 0.83 34.49
N ASP F 194 -29.41 0.24 35.56
CA ASP F 194 -29.56 0.82 36.89
C ASP F 194 -28.28 1.42 37.46
N SER F 195 -27.14 1.27 36.77
CA SER F 195 -25.85 1.87 37.14
C SER F 195 -25.29 1.29 38.43
N THR F 196 -25.63 0.05 38.77
CA THR F 196 -25.03 -0.56 39.93
C THR F 196 -23.79 -1.37 39.51
N TYR F 197 -23.11 -1.89 40.53
CA TYR F 197 -21.99 -2.79 40.40
C TYR F 197 -22.40 -4.16 40.88
N SER F 198 -21.71 -5.17 40.37
CA SER F 198 -21.75 -6.49 40.96
C SER F 198 -20.31 -6.94 41.14
N LEU F 199 -20.09 -7.75 42.15
CA LEU F 199 -18.73 -8.13 42.47
C LEU F 199 -18.71 -9.61 42.83
N SER F 200 -17.67 -10.29 42.39
CA SER F 200 -17.42 -11.69 42.75
C SER F 200 -16.09 -11.77 43.47
N SER F 201 -16.02 -12.58 44.52
CA SER F 201 -14.76 -12.89 45.15
C SER F 201 -14.64 -14.40 45.26
N THR F 202 -13.52 -14.95 44.80
CA THR F 202 -13.27 -16.39 44.83
C THR F 202 -12.13 -16.67 45.78
N LEU F 203 -12.37 -17.51 46.77
CA LEU F 203 -11.34 -17.99 47.69
C LEU F 203 -10.91 -19.39 47.26
N THR F 204 -9.71 -19.51 46.66
CA THR F 204 -9.21 -20.79 46.14
C THR F 204 -8.29 -21.41 47.17
N LEU F 205 -8.51 -22.69 47.47
CA LEU F 205 -7.65 -23.49 48.33
C LEU F 205 -7.25 -24.77 47.60
N SER F 206 -6.46 -25.61 48.27
CA SER F 206 -6.24 -26.96 47.79
C SER F 206 -7.24 -27.88 48.46
N LYS F 207 -7.59 -28.98 47.78
CA LYS F 207 -8.59 -29.90 48.33
C LYS F 207 -8.21 -30.31 49.73
N ALA F 208 -6.92 -30.57 49.96
CA ALA F 208 -6.40 -30.93 51.27
C ALA F 208 -6.84 -29.94 52.35
N ASP F 209 -6.79 -28.64 52.05
CA ASP F 209 -7.05 -27.64 53.08
C ASP F 209 -8.55 -27.45 53.33
N TYR F 210 -9.37 -27.57 52.28
CA TYR F 210 -10.80 -27.35 52.42
C TYR F 210 -11.42 -28.34 53.40
N GLU F 211 -10.97 -29.60 53.38
CA GLU F 211 -11.59 -30.59 54.25
C GLU F 211 -10.95 -30.64 55.63
N LYS F 212 -9.83 -29.97 55.84
CA LYS F 212 -9.33 -29.79 57.20
C LYS F 212 -10.26 -28.93 58.05
N HIS F 213 -11.13 -28.13 57.43
CA HIS F 213 -11.91 -27.12 58.13
C HIS F 213 -13.40 -27.36 57.93
N LYS F 214 -14.21 -26.59 58.69
CA LYS F 214 -15.63 -26.88 58.81
C LYS F 214 -16.55 -25.73 58.38
N VAL F 215 -16.30 -24.49 58.80
CA VAL F 215 -17.25 -23.39 58.52
C VAL F 215 -16.57 -22.35 57.67
N TYR F 216 -17.14 -22.06 56.50
CA TYR F 216 -16.62 -21.06 55.60
C TYR F 216 -17.59 -19.89 55.48
N ALA F 217 -17.08 -18.67 55.69
CA ALA F 217 -17.91 -17.50 55.84
C ALA F 217 -17.41 -16.37 54.96
N CYS F 218 -18.36 -15.71 54.32
CA CYS F 218 -18.17 -14.48 53.56
C CYS F 218 -18.77 -13.33 54.35
N GLU F 219 -17.99 -12.29 54.59
CA GLU F 219 -18.46 -11.15 55.37
C GLU F 219 -18.27 -9.85 54.60
N VAL F 220 -19.39 -9.19 54.33
CA VAL F 220 -19.49 -8.05 53.43
C VAL F 220 -19.79 -6.79 54.25
N THR F 221 -19.06 -5.73 53.97
CA THR F 221 -19.33 -4.39 54.50
C THR F 221 -19.44 -3.39 53.36
N HIS F 222 -20.45 -2.53 53.44
CA HIS F 222 -20.77 -1.58 52.39
C HIS F 222 -21.57 -0.46 53.05
N GLN F 223 -21.59 0.71 52.40
CA GLN F 223 -22.34 1.87 52.91
C GLN F 223 -23.78 1.50 53.20
N GLY F 224 -24.44 0.82 52.25
CA GLY F 224 -25.84 0.44 52.39
C GLY F 224 -26.15 -0.61 53.43
N LEU F 225 -25.17 -1.05 54.20
CA LEU F 225 -25.35 -2.08 55.21
C LEU F 225 -24.91 -1.53 56.55
N SER F 226 -25.88 -1.40 57.48
CA SER F 226 -25.59 -0.83 58.79
C SER F 226 -24.68 -1.72 59.64
N SER F 227 -24.74 -3.02 59.44
CA SER F 227 -23.82 -3.95 60.09
C SER F 227 -23.48 -5.00 59.06
N PRO F 228 -22.34 -5.69 59.21
CA PRO F 228 -21.86 -6.60 58.16
C PRO F 228 -22.83 -7.75 57.90
N VAL F 229 -22.89 -8.15 56.64
CA VAL F 229 -23.70 -9.29 56.23
C VAL F 229 -22.75 -10.47 56.06
N THR F 230 -22.98 -11.53 56.84
CA THR F 230 -22.22 -12.77 56.80
C THR F 230 -23.07 -13.92 56.24
N LYS F 231 -22.47 -14.74 55.37
CA LYS F 231 -23.17 -15.89 54.82
C LYS F 231 -22.23 -17.09 54.84
N SER F 232 -22.69 -18.25 55.33
CA SER F 232 -21.80 -19.37 55.60
C SER F 232 -22.44 -20.70 55.18
N PHE F 233 -21.64 -21.76 55.31
CA PHE F 233 -22.00 -23.16 55.06
C PHE F 233 -21.00 -24.03 55.79
N ASN F 234 -21.33 -25.32 56.00
CA ASN F 234 -20.34 -26.13 56.68
C ASN F 234 -19.52 -27.16 55.86
N ARG F 235 -19.96 -28.38 55.70
CA ARG F 235 -19.10 -29.32 55.00
C ARG F 235 -17.72 -28.67 54.93
#